data_6FLU
#
_entry.id   6FLU
#
_cell.length_a   81.940
_cell.length_b   81.940
_cell.length_c   224.645
_cell.angle_alpha   90.00
_cell.angle_beta   90.00
_cell.angle_gamma   120.00
#
_symmetry.space_group_name_H-M   'P 32 2 1'
#
loop_
_entity.id
_entity.type
_entity.pdbx_description
1 polymer 'Photorhabdus asymbitoca lectin PHL'
2 non-polymer (2~{S},3~{S},4~{R},5~{S},6~{S})-2-[[(2~{R},3~{S},4~{R},6~{S})-2-(hydroxymethyl)-6-methoxy-3-oxidanyl-oxan-4-yl]methyl]-6-methyl-oxane-3,4,5-triol
3 non-polymer 'SODIUM ION'
4 non-polymer 'CHLORIDE ION'
5 water water
#
_entity_poly.entity_id   1
_entity_poly.type   'polypeptide(L)'
_entity_poly.pdbx_seq_one_letter_code
;MQPINTSNPDNTASYVKDEVEITSSTIALSEIVSVVNTSDGRLEVFGVGTDKAVWHNRQMAPHTGSPWSGWSSLKGQVTS
KPVVYINTDGRLEVFARGTDNALWHIWQTATNAGWSNWQSLGGVITSNPAIYANTDGRLEVFARGADNALWHISQTTAHS
GPWSSWASLNGVITSNPTVHINSDGRLEVFARGTDNALWHIWQTAPDSNLWSSWESLNGIITSDPVVIDTADGRLEVFAR
GADNALWHIWQTISHSGPWSGWQSLNGVITSAPAVAKNCDNRLEAFARGTDNALWHTWQTVSHSGPWSSWQSLNGVITSA
PTAVRDADGRLEVFARGTDNALWLTWQTASSWSPWISLGGVLIDASAIK
;
_entity_poly.pdbx_strand_id   A,B
#
# COMPACT_ATOMS: atom_id res chain seq x y z
N THR A 23 13.22 -35.31 12.44
CA THR A 23 12.40 -34.06 12.64
C THR A 23 13.26 -32.97 13.33
N SER A 24 13.44 -31.84 12.67
CA SER A 24 14.26 -30.73 13.25
C SER A 24 13.54 -29.94 14.38
N SER A 25 14.31 -29.69 15.43
CA SER A 25 13.90 -28.90 16.55
C SER A 25 14.70 -27.58 16.62
N THR A 26 15.39 -27.22 15.53
CA THR A 26 16.10 -25.94 15.45
C THR A 26 15.81 -25.24 14.13
N ILE A 27 16.08 -23.94 14.12
CA ILE A 27 15.98 -23.08 12.99
C ILE A 27 17.21 -22.14 12.97
N ALA A 28 17.48 -21.61 11.79
CA ALA A 28 18.52 -20.58 11.64
C ALA A 28 18.32 -19.41 12.59
N LEU A 29 19.43 -18.74 12.95
CA LEU A 29 19.38 -17.63 13.91
C LEU A 29 18.36 -16.51 13.45
N SER A 30 17.46 -16.16 14.37
CA SER A 30 16.39 -15.19 14.05
C SER A 30 16.82 -13.73 13.88
N GLU A 31 15.89 -12.97 13.28
CA GLU A 31 15.98 -11.51 13.34
C GLU A 31 15.87 -11.06 14.80
N ILE A 32 16.45 -9.91 15.10
CA ILE A 32 16.56 -9.38 16.48
C ILE A 32 15.48 -8.31 16.76
N VAL A 33 14.90 -7.74 15.72
CA VAL A 33 13.88 -6.71 15.88
C VAL A 33 12.74 -6.96 14.95
N SER A 34 11.61 -6.33 15.26
CA SER A 34 10.45 -6.25 14.35
C SER A 34 10.38 -4.77 13.89
N VAL A 35 10.33 -4.54 12.58
CA VAL A 35 10.35 -3.19 12.04
C VAL A 35 9.01 -2.83 11.37
N VAL A 36 8.66 -1.55 11.41
CA VAL A 36 7.45 -1.06 10.72
C VAL A 36 7.69 0.32 10.14
N ASN A 37 6.96 0.64 9.05
CA ASN A 37 6.87 1.99 8.56
C ASN A 37 5.65 2.60 9.25
N THR A 38 5.86 3.69 9.94
CA THR A 38 4.79 4.32 10.69
C THR A 38 3.80 4.99 9.77
N SER A 39 2.66 5.39 10.34
CA SER A 39 1.66 6.16 9.62
C SER A 39 2.26 7.45 8.98
N ASP A 40 3.33 8.03 9.53
CA ASP A 40 3.99 9.19 8.92
C ASP A 40 5.33 8.88 8.26
N GLY A 41 5.52 7.62 7.86
CA GLY A 41 6.60 7.26 6.98
C GLY A 41 7.95 7.02 7.62
N ARG A 42 8.01 6.93 8.94
CA ARG A 42 9.27 6.75 9.65
C ARG A 42 9.50 5.26 9.96
N LEU A 43 10.75 4.81 9.99
CA LEU A 43 11.04 3.50 10.48
C LEU A 43 10.98 3.47 12.04
N GLU A 44 10.30 2.46 12.59
CA GLU A 44 10.31 2.21 14.01
C GLU A 44 10.58 0.73 14.29
N VAL A 45 11.54 0.47 15.17
CA VAL A 45 11.93 -0.87 15.53
C VAL A 45 11.57 -1.28 16.96
N PHE A 46 11.30 -2.55 17.17
CA PHE A 46 10.89 -3.15 18.46
C PHE A 46 11.75 -4.36 18.75
N GLY A 47 12.32 -4.42 19.94
CA GLY A 47 13.10 -5.59 20.37
C GLY A 47 12.96 -5.82 21.85
N VAL A 48 13.69 -6.78 22.37
CA VAL A 48 13.63 -7.19 23.73
C VAL A 48 14.95 -6.85 24.41
N GLY A 49 14.83 -6.11 25.50
CA GLY A 49 16.00 -5.80 26.34
C GLY A 49 16.41 -6.91 27.25
N THR A 50 17.52 -6.70 27.93
CA THR A 50 18.04 -7.70 28.87
C THR A 50 17.08 -7.90 30.03
N ASP A 51 16.25 -6.89 30.31
CA ASP A 51 15.20 -6.98 31.32
C ASP A 51 13.91 -7.74 30.89
N LYS A 52 13.86 -8.19 29.64
CA LYS A 52 12.72 -8.88 29.08
C LYS A 52 11.57 -7.96 28.73
N ALA A 53 11.77 -6.62 28.81
CA ALA A 53 10.79 -5.69 28.35
C ALA A 53 10.89 -5.46 26.86
N VAL A 54 9.82 -4.96 26.26
CA VAL A 54 9.84 -4.53 24.87
C VAL A 54 10.32 -3.05 24.82
N TRP A 55 11.42 -2.79 24.12
CA TRP A 55 11.83 -1.44 23.86
C TRP A 55 11.61 -1.11 22.39
N HIS A 56 11.61 0.18 22.07
CA HIS A 56 11.52 0.65 20.71
C HIS A 56 12.30 1.94 20.47
N ASN A 57 12.52 2.19 19.17
CA ASN A 57 13.38 3.22 18.69
C ASN A 57 12.82 3.61 17.34
N ARG A 58 12.77 4.90 17.05
CA ARG A 58 12.28 5.37 15.75
C ARG A 58 13.16 6.45 15.15
N GLN A 59 13.10 6.58 13.83
CA GLN A 59 13.65 7.77 13.15
C GLN A 59 12.94 9.05 13.60
N MET A 60 13.70 10.13 13.76
CA MET A 60 13.10 11.45 13.97
C MET A 60 12.29 11.85 12.76
N ALA A 61 12.88 11.62 11.58
CA ALA A 61 12.28 12.12 10.36
C ALA A 61 12.22 10.99 9.32
N PRO A 62 11.27 11.04 8.37
CA PRO A 62 11.13 10.02 7.34
C PRO A 62 12.10 10.15 6.18
N HIS A 63 13.37 9.90 6.47
CA HIS A 63 14.46 9.95 5.47
C HIS A 63 15.61 9.05 5.84
N THR A 64 16.28 8.54 4.82
CA THR A 64 17.46 7.77 5.03
C THR A 64 18.48 8.53 5.83
N GLY A 65 19.00 7.94 6.91
CA GLY A 65 20.03 8.62 7.71
C GLY A 65 19.52 9.60 8.75
N SER A 66 18.21 9.69 8.94
CA SER A 66 17.68 10.47 10.04
C SER A 66 18.34 10.10 11.36
N PRO A 67 18.48 11.07 12.23
CA PRO A 67 18.84 10.69 13.58
C PRO A 67 17.67 9.88 14.23
N TRP A 68 17.98 9.09 15.25
CA TRP A 68 16.98 8.24 15.92
C TRP A 68 16.61 8.80 17.29
N SER A 69 15.44 8.41 17.80
CA SER A 69 14.98 8.83 19.10
C SER A 69 15.83 8.25 20.24
N GLY A 70 16.41 7.09 20.01
CA GLY A 70 17.02 6.31 21.07
C GLY A 70 15.97 5.39 21.65
N TRP A 71 16.44 4.44 22.46
CA TRP A 71 15.57 3.37 22.97
C TRP A 71 14.71 3.87 24.14
N SER A 72 13.41 3.57 24.12
CA SER A 72 12.52 3.73 25.26
C SER A 72 11.66 2.47 25.51
N SER A 73 11.40 2.14 26.77
CA SER A 73 10.67 0.91 27.13
C SER A 73 9.14 1.03 27.12
N LEU A 74 8.50 0.02 26.54
CA LEU A 74 7.05 -0.23 26.67
C LEU A 74 6.73 -1.22 27.75
N LYS A 75 7.75 -1.52 28.55
CA LYS A 75 7.64 -2.42 29.68
C LYS A 75 7.19 -3.80 29.19
N GLY A 76 6.43 -4.53 29.98
CA GLY A 76 6.14 -5.92 29.64
C GLY A 76 7.26 -6.84 30.09
N GLN A 77 6.92 -8.12 30.12
CA GLN A 77 7.87 -9.19 30.27
C GLN A 77 7.49 -10.25 29.23
N VAL A 78 8.34 -10.47 28.23
CA VAL A 78 7.95 -11.27 27.09
C VAL A 78 8.78 -12.57 27.01
N THR A 79 8.17 -13.59 26.49
CA THR A 79 8.80 -14.89 26.29
C THR A 79 8.74 -15.32 24.81
N SER A 80 8.48 -14.36 23.91
CA SER A 80 8.61 -14.50 22.48
C SER A 80 9.27 -13.27 21.90
N LYS A 81 9.55 -13.35 20.61
CA LYS A 81 9.80 -12.14 19.86
C LYS A 81 8.52 -11.30 19.88
N PRO A 82 8.62 -9.98 20.13
CA PRO A 82 7.50 -9.03 20.03
C PRO A 82 7.38 -8.62 18.57
N VAL A 83 6.17 -8.63 18.07
CA VAL A 83 5.91 -8.37 16.66
C VAL A 83 4.93 -7.20 16.52
N VAL A 84 5.37 -6.17 15.82
CA VAL A 84 4.57 -5.00 15.57
C VAL A 84 3.81 -5.20 14.25
N TYR A 85 2.61 -4.63 14.22
CA TYR A 85 1.81 -4.51 12.98
C TYR A 85 1.06 -3.23 13.05
N ILE A 86 0.78 -2.66 11.90
CA ILE A 86 0.09 -1.37 11.83
C ILE A 86 -1.34 -1.63 11.42
N ASN A 87 -2.26 -1.24 12.27
CA ASN A 87 -3.71 -1.24 11.99
C ASN A 87 -4.07 -0.37 10.77
N THR A 88 -5.23 -0.60 10.16
CA THR A 88 -5.58 0.14 8.99
C THR A 88 -5.94 1.63 9.30
N ASP A 89 -5.99 2.01 10.58
CA ASP A 89 -6.17 3.42 11.00
C ASP A 89 -4.82 4.07 11.40
N GLY A 90 -3.71 3.39 11.14
CA GLY A 90 -2.40 3.98 11.44
C GLY A 90 -1.85 3.69 12.81
N ARG A 91 -2.67 3.08 13.66
CA ARG A 91 -2.19 2.77 15.02
C ARG A 91 -1.28 1.49 15.10
N LEU A 92 -0.08 1.64 15.62
CA LEU A 92 0.82 0.53 15.89
C LEU A 92 0.27 -0.40 16.95
N GLU A 93 0.46 -1.69 16.76
CA GLU A 93 0.04 -2.71 17.77
C GLU A 93 1.09 -3.80 17.83
N VAL A 94 1.56 -4.13 19.02
CA VAL A 94 2.64 -5.09 19.26
C VAL A 94 2.03 -6.29 20.00
N PHE A 95 2.38 -7.48 19.51
CA PHE A 95 1.96 -8.75 20.03
C PHE A 95 3.19 -9.54 20.52
N ALA A 96 3.03 -10.21 21.63
CA ALA A 96 4.13 -10.98 22.24
C ALA A 96 3.55 -12.03 23.14
N ARG A 97 4.24 -13.16 23.24
CA ARG A 97 3.89 -14.14 24.26
C ARG A 97 4.34 -13.63 25.61
N GLY A 98 3.49 -13.84 26.63
CA GLY A 98 3.77 -13.41 28.00
C GLY A 98 4.40 -14.48 28.87
N THR A 99 4.61 -14.14 30.13
CA THR A 99 5.23 -15.01 31.10
C THR A 99 4.32 -16.16 31.50
N ASP A 100 3.03 -15.99 31.24
CA ASP A 100 2.01 -16.99 31.47
C ASP A 100 1.63 -17.75 30.20
N ASN A 101 2.41 -17.58 29.14
CA ASN A 101 2.20 -18.20 27.80
C ASN A 101 0.93 -17.79 27.04
N ALA A 102 0.19 -16.79 27.54
CA ALA A 102 -0.89 -16.18 26.78
C ALA A 102 -0.35 -15.22 25.79
N LEU A 103 -1.16 -14.92 24.77
CA LEU A 103 -0.87 -13.86 23.86
C LEU A 103 -1.26 -12.54 24.54
N TRP A 104 -0.29 -11.64 24.60
CA TRP A 104 -0.47 -10.28 25.07
C TRP A 104 -0.26 -9.26 23.95
N HIS A 105 -0.81 -8.06 24.13
CA HIS A 105 -0.64 -6.98 23.19
C HIS A 105 -0.71 -5.61 23.86
N ILE A 106 -0.15 -4.62 23.17
CA ILE A 106 -0.10 -3.24 23.55
C ILE A 106 -0.26 -2.42 22.29
N TRP A 107 -0.96 -1.31 22.35
CA TRP A 107 -1.27 -0.57 21.11
C TRP A 107 -1.28 0.94 21.36
N GLN A 108 -1.02 1.67 20.29
CA GLN A 108 -1.25 3.10 20.29
C GLN A 108 -2.79 3.36 20.40
N THR A 109 -3.12 4.21 21.34
CA THR A 109 -4.48 4.63 21.60
C THR A 109 -4.93 5.66 20.59
N ALA A 110 -3.97 6.38 19.99
CA ALA A 110 -4.24 7.20 18.85
C ALA A 110 -3.08 7.07 17.89
N THR A 111 -3.38 7.29 16.60
CA THR A 111 -2.41 7.15 15.55
C THR A 111 -1.09 7.90 15.87
N ASN A 112 -0.01 7.13 16.01
CA ASN A 112 1.35 7.60 16.23
C ASN A 112 1.55 8.37 17.55
N ALA A 113 0.76 8.04 18.56
CA ALA A 113 0.73 8.86 19.80
C ALA A 113 0.93 7.98 21.01
N GLY A 114 0.06 8.03 22.00
CA GLY A 114 0.33 7.36 23.24
C GLY A 114 -0.02 5.89 23.21
N TRP A 115 0.57 5.15 24.14
CA TRP A 115 0.35 3.67 24.16
C TRP A 115 -0.59 3.27 25.31
N SER A 116 -1.37 2.22 25.08
CA SER A 116 -2.20 1.53 26.06
C SER A 116 -1.32 0.83 27.07
N ASN A 117 -1.95 0.26 28.08
CA ASN A 117 -1.26 -0.79 28.87
C ASN A 117 -1.25 -2.17 28.16
N TRP A 118 -0.37 -3.04 28.60
CA TRP A 118 -0.33 -4.41 28.12
C TRP A 118 -1.60 -5.08 28.54
N GLN A 119 -2.21 -5.84 27.64
CA GLN A 119 -3.43 -6.62 27.97
C GLN A 119 -3.38 -8.00 27.41
N SER A 120 -4.05 -8.95 28.06
CA SER A 120 -3.98 -10.37 27.68
C SER A 120 -5.08 -10.76 26.74
N LEU A 121 -4.74 -11.50 25.69
CA LEU A 121 -5.76 -12.04 24.78
C LEU A 121 -5.92 -13.56 25.09
N GLY A 122 -5.29 -14.01 26.17
CA GLY A 122 -5.44 -15.39 26.63
C GLY A 122 -4.77 -16.33 25.68
N GLY A 123 -5.27 -17.57 25.65
CA GLY A 123 -4.69 -18.65 24.88
C GLY A 123 -3.47 -19.26 25.56
N VAL A 124 -2.93 -20.26 24.88
CA VAL A 124 -1.71 -20.87 25.31
C VAL A 124 -0.95 -21.05 24.03
N ILE A 125 0.11 -20.28 23.90
CA ILE A 125 0.91 -20.27 22.66
C ILE A 125 2.34 -20.69 22.91
N THR A 126 2.93 -21.25 21.85
CA THR A 126 4.25 -21.87 21.91
C THR A 126 5.17 -21.49 20.72
N SER A 127 4.82 -20.40 20.00
CA SER A 127 5.60 -19.78 18.98
C SER A 127 5.52 -18.25 19.12
N ASN A 128 6.36 -17.54 18.36
CA ASN A 128 6.14 -16.16 18.14
C ASN A 128 4.83 -16.01 17.38
N PRO A 129 4.10 -14.94 17.64
CA PRO A 129 2.92 -14.62 16.89
C PRO A 129 3.16 -14.09 15.53
N ALA A 130 2.24 -14.32 14.62
CA ALA A 130 2.32 -13.73 13.27
C ALA A 130 0.98 -13.05 12.95
N ILE A 131 1.04 -11.85 12.40
CA ILE A 131 -0.13 -10.97 12.28
C ILE A 131 -0.33 -10.47 10.85
N TYR A 132 -1.60 -10.46 10.42
CA TYR A 132 -1.97 -9.71 9.19
C TYR A 132 -3.34 -9.07 9.31
N ALA A 133 -3.57 -8.04 8.50
CA ALA A 133 -4.92 -7.46 8.41
C ALA A 133 -5.67 -8.13 7.31
N ASN A 134 -6.90 -8.56 7.64
CA ASN A 134 -7.89 -8.92 6.66
C ASN A 134 -8.32 -7.72 5.81
N THR A 135 -8.97 -7.99 4.69
CA THR A 135 -9.40 -6.94 3.79
C THR A 135 -10.49 -5.97 4.40
N ASP A 136 -11.16 -6.45 5.46
CA ASP A 136 -12.10 -5.70 6.23
C ASP A 136 -11.47 -4.96 7.40
N GLY A 137 -10.15 -4.93 7.49
CA GLY A 137 -9.45 -4.17 8.56
C GLY A 137 -9.31 -4.87 9.89
N ARG A 138 -9.79 -6.13 10.00
CA ARG A 138 -9.64 -6.92 11.23
CA ARG A 138 -9.63 -6.89 11.24
C ARG A 138 -8.26 -7.54 11.24
N LEU A 139 -7.45 -7.20 12.23
CA LEU A 139 -6.24 -7.92 12.47
C LEU A 139 -6.51 -9.37 12.88
N GLU A 140 -5.61 -10.24 12.48
CA GLU A 140 -5.75 -11.66 12.81
C GLU A 140 -4.37 -12.17 13.13
N VAL A 141 -4.27 -12.86 14.25
CA VAL A 141 -3.04 -13.31 14.83
C VAL A 141 -3.03 -14.83 14.83
N PHE A 142 -1.89 -15.37 14.43
CA PHE A 142 -1.64 -16.83 14.30
C PHE A 142 -0.47 -17.17 15.19
N ALA A 143 -0.53 -18.35 15.81
CA ALA A 143 0.55 -18.85 16.66
C ALA A 143 0.38 -20.34 16.87
N ARG A 144 1.50 -21.03 17.05
CA ARG A 144 1.45 -22.44 17.44
C ARG A 144 0.89 -22.51 18.88
N GLY A 145 0.08 -23.54 19.13
CA GLY A 145 -0.53 -23.77 20.44
C GLY A 145 0.18 -24.81 21.31
N ALA A 146 -0.36 -25.01 22.48
CA ALA A 146 0.14 -26.03 23.41
C ALA A 146 0.10 -27.43 22.74
N ASP A 147 -0.86 -27.65 21.83
CA ASP A 147 -1.12 -28.93 21.23
C ASP A 147 -0.36 -28.99 19.90
N ASN A 148 0.51 -27.99 19.66
CA ASN A 148 1.37 -27.94 18.45
C ASN A 148 0.67 -27.65 17.15
N ALA A 149 -0.62 -27.40 17.20
CA ALA A 149 -1.37 -26.96 16.01
C ALA A 149 -1.29 -25.44 15.86
N LEU A 150 -1.81 -24.94 14.73
CA LEU A 150 -1.87 -23.50 14.46
C LEU A 150 -3.19 -22.99 14.94
N TRP A 151 -3.16 -22.06 15.89
CA TRP A 151 -4.35 -21.43 16.43
C TRP A 151 -4.41 -19.98 15.95
N HIS A 152 -5.61 -19.42 16.00
CA HIS A 152 -5.82 -18.08 15.54
C HIS A 152 -6.94 -17.39 16.28
N ILE A 153 -6.83 -16.06 16.26
CA ILE A 153 -7.75 -15.16 16.96
C ILE A 153 -7.72 -13.83 16.17
N SER A 154 -8.86 -13.12 16.14
CA SER A 154 -8.95 -11.85 15.41
C SER A 154 -9.76 -10.77 16.14
N GLN A 155 -9.52 -9.54 15.72
CA GLN A 155 -10.40 -8.45 16.03
C GLN A 155 -11.80 -8.78 15.46
N THR A 156 -12.84 -8.40 16.20
CA THR A 156 -14.22 -8.64 15.78
C THR A 156 -14.70 -7.58 14.87
N THR A 157 -14.08 -6.38 14.93
CA THR A 157 -14.41 -5.23 14.11
CA THR A 157 -14.40 -5.28 14.00
C THR A 157 -13.10 -4.59 13.64
N ALA A 158 -13.17 -3.79 12.59
CA ALA A 158 -11.95 -3.20 11.96
C ALA A 158 -11.10 -2.43 12.99
N HIS A 159 -9.83 -2.80 13.08
CA HIS A 159 -8.86 -2.11 13.95
C HIS A 159 -9.41 -1.84 15.37
N SER A 160 -10.05 -2.85 15.95
CA SER A 160 -10.56 -2.72 17.29
C SER A 160 -10.82 -4.05 17.98
N GLY A 161 -10.68 -4.04 19.32
CA GLY A 161 -11.30 -5.05 20.21
C GLY A 161 -12.82 -4.92 20.18
N PRO A 162 -13.54 -5.84 20.81
CA PRO A 162 -12.92 -6.99 21.45
C PRO A 162 -12.50 -8.01 20.35
N TRP A 163 -11.82 -9.04 20.78
CA TRP A 163 -11.33 -10.06 19.91
C TRP A 163 -12.22 -11.32 19.96
N SER A 164 -12.04 -12.19 18.95
CA SER A 164 -12.84 -13.38 18.75
C SER A 164 -12.44 -14.46 19.75
N SER A 165 -13.18 -15.57 19.74
CA SER A 165 -12.75 -16.79 20.40
CA SER A 165 -12.73 -16.75 20.44
C SER A 165 -11.48 -17.26 19.72
N TRP A 166 -10.63 -17.94 20.46
CA TRP A 166 -9.51 -18.69 19.86
C TRP A 166 -10.09 -19.89 19.08
N ALA A 167 -9.43 -20.25 17.97
CA ALA A 167 -9.82 -21.42 17.19
C ALA A 167 -8.61 -22.03 16.58
N SER A 168 -8.75 -23.27 16.14
CA SER A 168 -7.63 -24.05 15.59
C SER A 168 -7.77 -24.29 14.11
N LEU A 169 -6.62 -24.25 13.44
CA LEU A 169 -6.50 -24.69 12.07
C LEU A 169 -5.74 -26.02 11.95
N ASN A 170 -5.62 -26.74 13.07
CA ASN A 170 -4.99 -28.11 13.06
C ASN A 170 -3.56 -28.05 12.62
N GLY A 171 -3.02 -29.11 12.05
CA GLY A 171 -1.60 -29.15 11.71
C GLY A 171 -0.72 -29.46 12.90
N VAL A 172 0.55 -29.75 12.60
CA VAL A 172 1.60 -29.94 13.60
C VAL A 172 2.81 -29.18 13.05
N ILE A 173 3.23 -28.12 13.72
CA ILE A 173 4.23 -27.20 13.11
C ILE A 173 5.45 -27.10 13.98
N THR A 174 6.61 -26.87 13.32
CA THR A 174 7.89 -26.93 13.95
C THR A 174 8.79 -25.72 13.70
N SER A 175 8.21 -24.64 13.15
CA SER A 175 8.88 -23.33 13.08
C SER A 175 7.81 -22.32 13.57
N ASN A 176 8.23 -21.07 13.67
CA ASN A 176 7.30 -19.97 13.84
C ASN A 176 6.52 -19.88 12.56
N PRO A 177 5.22 -19.57 12.65
CA PRO A 177 4.42 -19.34 11.46
C PRO A 177 4.66 -17.97 10.83
N THR A 178 4.38 -17.85 9.51
CA THR A 178 4.41 -16.59 8.80
CA THR A 178 4.39 -16.57 8.84
C THR A 178 3.12 -16.45 7.99
N VAL A 179 2.48 -15.27 8.03
CA VAL A 179 1.25 -15.06 7.32
C VAL A 179 1.44 -13.92 6.34
N HIS A 180 0.74 -13.99 5.22
CA HIS A 180 0.78 -12.91 4.25
C HIS A 180 -0.57 -12.99 3.57
N ILE A 181 -0.84 -12.00 2.77
CA ILE A 181 -2.10 -11.94 2.03
C ILE A 181 -1.91 -12.09 0.54
N ASN A 182 -2.80 -12.87 -0.06
CA ASN A 182 -2.87 -12.97 -1.49
C ASN A 182 -3.38 -11.66 -2.14
N SER A 183 -3.07 -11.54 -3.42
CA SER A 183 -3.52 -10.35 -4.21
C SER A 183 -5.04 -10.25 -4.39
N ASP A 184 -5.76 -11.34 -4.13
CA ASP A 184 -7.20 -11.36 -4.02
C ASP A 184 -7.78 -11.28 -2.59
N GLY A 185 -6.95 -10.98 -1.61
CA GLY A 185 -7.37 -10.73 -0.23
C GLY A 185 -7.45 -11.94 0.73
N ARG A 186 -7.07 -13.12 0.25
CA ARG A 186 -7.09 -14.33 1.07
C ARG A 186 -5.79 -14.42 1.88
N LEU A 187 -5.90 -14.51 3.19
CA LEU A 187 -4.74 -14.72 4.04
C LEU A 187 -4.18 -16.13 3.76
N GLU A 188 -2.85 -16.29 3.97
CA GLU A 188 -2.15 -17.58 3.70
C GLU A 188 -1.01 -17.66 4.73
N VAL A 189 -0.96 -18.78 5.45
CA VAL A 189 0.02 -19.03 6.49
C VAL A 189 0.96 -20.17 6.05
N PHE A 190 2.23 -20.00 6.38
CA PHE A 190 3.28 -20.91 6.03
C PHE A 190 4.05 -21.26 7.30
N ALA A 191 4.51 -22.53 7.37
CA ALA A 191 5.25 -23.00 8.53
C ALA A 191 5.94 -24.26 8.18
N ARG A 192 6.98 -24.58 8.92
CA ARG A 192 7.64 -25.85 8.73
C ARG A 192 6.78 -26.96 9.38
N GLY A 193 6.74 -28.11 8.71
CA GLY A 193 6.07 -29.30 9.19
C GLY A 193 6.99 -30.31 9.87
N THR A 194 6.40 -31.40 10.39
CA THR A 194 7.16 -32.42 11.15
C THR A 194 8.16 -33.22 10.25
N ASP A 195 7.91 -33.25 8.94
CA ASP A 195 8.81 -33.83 7.94
C ASP A 195 9.87 -32.84 7.41
N ASN A 196 9.94 -31.65 8.04
CA ASN A 196 10.84 -30.51 7.69
C ASN A 196 10.51 -29.82 6.41
N ALA A 197 9.39 -30.17 5.80
CA ALA A 197 8.96 -29.45 4.59
C ALA A 197 8.29 -28.10 4.92
N LEU A 198 8.10 -27.28 3.88
CA LEU A 198 7.27 -26.08 3.97
C LEU A 198 5.83 -26.51 3.67
N TRP A 199 4.97 -26.19 4.61
CA TRP A 199 3.55 -26.42 4.55
C TRP A 199 2.83 -25.07 4.58
N HIS A 200 1.59 -25.04 4.06
CA HIS A 200 0.79 -23.88 4.03
C HIS A 200 -0.69 -24.18 4.01
N ILE A 201 -1.45 -23.17 4.35
CA ILE A 201 -2.88 -23.21 4.52
C ILE A 201 -3.43 -21.81 4.24
N TRP A 202 -4.61 -21.72 3.63
CA TRP A 202 -5.17 -20.43 3.18
C TRP A 202 -6.66 -20.28 3.42
N GLN A 203 -7.09 -19.04 3.56
CA GLN A 203 -8.49 -18.70 3.58
C GLN A 203 -9.04 -18.97 2.20
N THR A 204 -10.28 -19.47 2.12
CA THR A 204 -10.96 -19.74 0.83
C THR A 204 -11.73 -18.56 0.35
N ALA A 205 -11.83 -17.52 1.19
CA ALA A 205 -12.43 -16.24 0.89
C ALA A 205 -11.89 -15.19 1.90
N PRO A 206 -11.77 -13.93 1.48
CA PRO A 206 -11.24 -12.85 2.34
C PRO A 206 -12.10 -12.72 3.55
N ASP A 207 -11.47 -12.41 4.69
CA ASP A 207 -12.19 -12.05 5.94
C ASP A 207 -12.88 -13.23 6.64
N SER A 208 -12.65 -14.43 6.12
CA SER A 208 -13.45 -15.64 6.39
C SER A 208 -12.85 -16.44 7.54
N ASN A 209 -13.65 -17.33 8.15
CA ASN A 209 -13.12 -18.45 8.94
C ASN A 209 -13.19 -19.78 8.23
N LEU A 210 -13.27 -19.77 6.90
CA LEU A 210 -13.22 -21.01 6.10
C LEU A 210 -11.81 -21.11 5.51
N TRP A 211 -11.13 -22.20 5.74
CA TRP A 211 -9.78 -22.39 5.34
C TRP A 211 -9.64 -23.67 4.57
N SER A 212 -8.62 -23.74 3.73
CA SER A 212 -8.24 -24.99 3.08
C SER A 212 -7.69 -25.98 4.07
N SER A 213 -7.37 -27.16 3.58
CA SER A 213 -6.58 -28.11 4.38
C SER A 213 -5.14 -27.68 4.30
N TRP A 214 -4.36 -28.18 5.23
CA TRP A 214 -2.90 -28.05 5.15
C TRP A 214 -2.37 -28.74 3.89
N GLU A 215 -1.44 -28.12 3.19
CA GLU A 215 -0.78 -28.71 2.02
C GLU A 215 0.73 -28.55 2.08
N SER A 216 1.44 -29.56 1.58
CA SER A 216 2.88 -29.50 1.55
C SER A 216 3.42 -28.92 0.29
N LEU A 217 4.39 -28.00 0.42
CA LEU A 217 5.22 -27.53 -0.72
C LEU A 217 6.59 -28.20 -0.74
N ASN A 218 6.71 -29.29 0.05
CA ASN A 218 7.92 -30.16 0.00
C ASN A 218 9.15 -29.32 0.38
N GLY A 219 10.35 -29.78 0.01
CA GLY A 219 11.55 -29.14 0.42
C GLY A 219 11.96 -29.56 1.80
N ILE A 220 13.16 -29.13 2.17
CA ILE A 220 13.66 -29.23 3.54
C ILE A 220 14.00 -27.78 3.88
N ILE A 221 13.47 -27.27 4.97
CA ILE A 221 13.82 -25.94 5.34
C ILE A 221 14.42 -25.93 6.70
N THR A 222 15.42 -25.04 6.87
CA THR A 222 16.19 -24.94 8.10
C THR A 222 16.19 -23.53 8.69
N SER A 223 15.16 -22.74 8.32
CA SER A 223 14.86 -21.48 8.86
C SER A 223 13.35 -21.31 8.93
N ASP A 224 12.92 -20.29 9.68
CA ASP A 224 11.57 -19.81 9.52
C ASP A 224 11.37 -19.41 8.04
N PRO A 225 10.15 -19.57 7.53
CA PRO A 225 9.92 -19.12 6.15
C PRO A 225 9.70 -17.59 6.15
N VAL A 226 10.14 -16.99 5.08
CA VAL A 226 10.01 -15.58 4.86
C VAL A 226 9.13 -15.45 3.60
N VAL A 227 8.06 -14.69 3.71
CA VAL A 227 7.06 -14.53 2.63
CA VAL A 227 7.10 -14.53 2.61
C VAL A 227 6.93 -13.06 2.18
N ILE A 228 6.78 -12.85 0.87
CA ILE A 228 6.58 -11.53 0.36
C ILE A 228 5.63 -11.66 -0.81
N ASP A 229 5.09 -10.52 -1.22
CA ASP A 229 4.24 -10.41 -2.43
C ASP A 229 5.01 -9.71 -3.53
N THR A 230 5.04 -10.30 -4.74
CA THR A 230 5.77 -9.67 -5.84
C THR A 230 4.92 -8.55 -6.41
N ALA A 231 5.54 -7.68 -7.20
CA ALA A 231 4.84 -6.59 -7.89
C ALA A 231 3.70 -7.03 -8.77
N ASP A 232 3.79 -8.24 -9.31
CA ASP A 232 2.72 -8.84 -10.08
C ASP A 232 1.73 -9.76 -9.30
N GLY A 233 1.72 -9.61 -7.97
CA GLY A 233 0.69 -10.18 -7.13
C GLY A 233 0.78 -11.65 -6.80
N ARG A 234 2.00 -12.16 -6.72
CA ARG A 234 2.17 -13.52 -6.32
C ARG A 234 2.91 -13.57 -4.97
N LEU A 235 2.57 -14.58 -4.19
CA LEU A 235 3.38 -14.92 -3.06
C LEU A 235 4.67 -15.68 -3.43
N GLU A 236 5.76 -15.29 -2.76
CA GLU A 236 7.06 -15.97 -2.92
C GLU A 236 7.63 -16.17 -1.53
N VAL A 237 8.07 -17.38 -1.26
CA VAL A 237 8.63 -17.77 0.00
C VAL A 237 10.14 -18.08 -0.12
N PHE A 238 10.90 -17.62 0.87
CA PHE A 238 12.34 -17.80 0.96
C PHE A 238 12.63 -18.51 2.28
N ALA A 239 13.62 -19.43 2.24
CA ALA A 239 14.05 -20.14 3.46
C ALA A 239 15.43 -20.76 3.23
N ARG A 240 16.18 -20.92 4.30
CA ARG A 240 17.41 -21.60 4.22
C ARG A 240 17.09 -23.06 3.97
N GLY A 241 17.88 -23.72 3.14
CA GLY A 241 17.76 -25.15 2.88
C GLY A 241 18.62 -26.06 3.75
N ALA A 242 18.48 -27.34 3.49
CA ALA A 242 19.30 -28.36 4.15
C ALA A 242 20.80 -28.16 3.82
N ASP A 243 21.09 -27.62 2.66
CA ASP A 243 22.51 -27.37 2.23
C ASP A 243 23.00 -26.03 2.69
N ASN A 244 22.21 -25.36 3.56
CA ASN A 244 22.55 -23.96 4.00
C ASN A 244 22.57 -22.90 2.94
N ALA A 245 22.02 -23.19 1.77
CA ALA A 245 21.86 -22.16 0.76
C ALA A 245 20.53 -21.47 0.99
N LEU A 246 20.33 -20.37 0.30
CA LEU A 246 19.02 -19.71 0.31
C LEU A 246 18.22 -20.28 -0.86
N TRP A 247 17.00 -20.72 -0.56
CA TRP A 247 16.10 -21.27 -1.57
C TRP A 247 14.85 -20.41 -1.62
N HIS A 248 14.13 -20.48 -2.72
CA HIS A 248 12.84 -19.86 -2.83
C HIS A 248 11.91 -20.64 -3.74
N ILE A 249 10.63 -20.29 -3.67
CA ILE A 249 9.56 -21.00 -4.36
C ILE A 249 8.39 -20.01 -4.42
N TRP A 250 7.58 -20.06 -5.47
CA TRP A 250 6.53 -19.06 -5.70
C TRP A 250 5.27 -19.60 -6.34
N GLN A 251 4.18 -18.91 -6.07
CA GLN A 251 2.98 -19.08 -6.88
C GLN A 251 3.27 -18.75 -8.30
N THR A 252 2.58 -19.45 -9.17
CA THR A 252 2.72 -19.21 -10.59
C THR A 252 1.71 -18.16 -11.09
N ILE A 253 1.97 -17.59 -12.26
CA ILE A 253 1.14 -16.47 -12.77
C ILE A 253 -0.34 -16.82 -13.00
N SER A 254 -0.61 -18.13 -13.12
CA SER A 254 -1.99 -18.58 -13.30
CA SER A 254 -1.96 -18.68 -13.29
C SER A 254 -2.76 -18.81 -12.00
N HIS A 255 -2.05 -18.84 -10.86
CA HIS A 255 -2.65 -19.12 -9.51
C HIS A 255 -3.55 -20.44 -9.49
N SER A 256 -3.15 -21.44 -10.25
CA SER A 256 -4.06 -22.51 -10.65
C SER A 256 -3.88 -23.72 -9.78
N GLY A 257 -3.20 -23.56 -8.65
CA GLY A 257 -2.92 -24.68 -7.80
C GLY A 257 -1.43 -24.94 -7.65
N PRO A 258 -0.68 -24.92 -8.77
CA PRO A 258 0.71 -25.32 -8.66
C PRO A 258 1.59 -24.16 -8.28
N TRP A 259 2.54 -24.46 -7.41
CA TRP A 259 3.64 -23.53 -7.21
C TRP A 259 4.79 -23.91 -8.18
N SER A 260 5.86 -23.12 -8.18
CA SER A 260 6.99 -23.23 -9.11
C SER A 260 7.95 -24.41 -8.96
N GLY A 261 7.98 -25.05 -7.83
CA GLY A 261 9.12 -25.95 -7.54
C GLY A 261 10.29 -25.09 -6.99
N TRP A 262 11.01 -25.65 -6.04
CA TRP A 262 12.09 -24.97 -5.37
C TRP A 262 13.27 -24.64 -6.26
N GLN A 263 13.80 -23.45 -6.09
CA GLN A 263 15.00 -22.99 -6.84
C GLN A 263 15.99 -22.43 -5.85
N SER A 264 17.25 -22.82 -5.98
CA SER A 264 18.31 -22.33 -5.11
C SER A 264 18.85 -20.96 -5.58
N LEU A 265 19.10 -20.07 -4.63
CA LEU A 265 19.85 -18.85 -4.85
C LEU A 265 21.27 -18.97 -4.36
N ASN A 266 21.69 -20.20 -4.06
CA ASN A 266 23.06 -20.48 -3.66
C ASN A 266 23.46 -19.76 -2.39
N GLY A 267 24.76 -19.62 -2.15
CA GLY A 267 25.19 -18.98 -0.94
C GLY A 267 25.32 -19.97 0.15
N VAL A 268 25.99 -19.54 1.20
CA VAL A 268 26.07 -20.32 2.43
C VAL A 268 25.73 -19.36 3.56
N ILE A 269 24.56 -19.60 4.20
CA ILE A 269 24.04 -18.67 5.16
C ILE A 269 23.85 -19.28 6.57
N THR A 270 24.10 -18.45 7.56
CA THR A 270 24.20 -18.87 8.96
C THR A 270 23.15 -18.18 9.81
N SER A 271 22.14 -17.58 9.15
CA SER A 271 20.99 -16.94 9.82
C SER A 271 19.77 -17.09 8.92
N ALA A 272 18.61 -16.76 9.48
CA ALA A 272 17.39 -16.55 8.63
C ALA A 272 17.66 -15.46 7.66
N PRO A 273 17.00 -15.50 6.50
CA PRO A 273 17.12 -14.48 5.49
C PRO A 273 16.13 -13.36 5.79
N ALA A 274 16.42 -12.15 5.28
CA ALA A 274 15.47 -11.07 5.18
C ALA A 274 15.31 -10.69 3.73
N VAL A 275 14.09 -10.37 3.30
CA VAL A 275 13.81 -9.95 1.95
C VAL A 275 12.94 -8.67 1.92
N ALA A 276 13.33 -7.72 1.05
CA ALA A 276 12.57 -6.49 0.85
C ALA A 276 12.51 -6.14 -0.64
N LYS A 277 11.59 -5.25 -1.01
CA LYS A 277 11.50 -4.74 -2.38
C LYS A 277 12.17 -3.38 -2.51
N ASN A 278 13.02 -3.23 -3.54
CA ASN A 278 13.60 -1.95 -3.87
C ASN A 278 12.50 -1.02 -4.43
N CYS A 279 12.92 0.22 -4.66
CA CYS A 279 12.06 1.26 -5.27
C CYS A 279 11.29 0.78 -6.46
N ASP A 280 12.01 0.07 -7.31
CA ASP A 280 11.47 -0.43 -8.59
C ASP A 280 10.91 -1.86 -8.47
N ASN A 281 10.62 -2.29 -7.24
CA ASN A 281 10.07 -3.64 -6.92
C ASN A 281 11.04 -4.83 -7.12
N ARG A 282 12.32 -4.59 -7.41
CA ARG A 282 13.27 -5.67 -7.50
C ARG A 282 13.46 -6.22 -6.09
N LEU A 283 13.30 -7.52 -5.93
CA LEU A 283 13.57 -8.15 -4.66
C LEU A 283 15.04 -8.18 -4.33
N GLU A 284 15.34 -8.19 -3.04
CA GLU A 284 16.66 -8.21 -2.58
C GLU A 284 16.69 -8.97 -1.27
N ALA A 285 17.61 -9.95 -1.17
CA ALA A 285 17.66 -10.84 0.03
C ALA A 285 18.95 -10.62 0.79
N PHE A 286 18.87 -10.73 2.11
CA PHE A 286 19.95 -10.50 3.02
C PHE A 286 20.10 -11.67 3.98
N ALA A 287 21.32 -12.02 4.30
CA ALA A 287 21.54 -13.09 5.31
C ALA A 287 22.95 -12.99 5.83
N ARG A 288 23.16 -13.48 7.05
CA ARG A 288 24.49 -13.63 7.57
C ARG A 288 25.28 -14.71 6.83
N GLY A 289 26.56 -14.52 6.63
CA GLY A 289 27.47 -15.49 5.95
C GLY A 289 28.29 -16.33 6.93
N THR A 290 29.11 -17.23 6.40
CA THR A 290 29.97 -18.07 7.21
C THR A 290 31.00 -17.29 7.99
N ASP A 291 31.39 -16.12 7.51
CA ASP A 291 32.28 -15.17 8.18
C ASP A 291 31.57 -14.17 9.16
N ASN A 292 30.26 -14.38 9.38
CA ASN A 292 29.43 -13.52 10.21
C ASN A 292 29.27 -12.13 9.72
N ALA A 293 29.56 -11.90 8.43
CA ALA A 293 29.22 -10.66 7.77
C ALA A 293 27.80 -10.74 7.20
N LEU A 294 27.26 -9.58 6.89
CA LEU A 294 26.03 -9.49 6.10
C LEU A 294 26.35 -9.68 4.64
N TRP A 295 25.58 -10.51 3.96
CA TRP A 295 25.74 -10.67 2.55
C TRP A 295 24.38 -10.40 1.91
N HIS A 296 24.36 -10.13 0.63
CA HIS A 296 23.10 -9.89 -0.10
C HIS A 296 23.14 -10.33 -1.51
N THR A 297 21.95 -10.62 -2.04
CA THR A 297 21.77 -10.99 -3.44
C THR A 297 20.48 -10.28 -3.92
N TRP A 298 20.43 -9.87 -5.17
CA TRP A 298 19.30 -9.05 -5.64
C TRP A 298 18.90 -9.38 -7.07
N GLN A 299 17.64 -9.22 -7.40
CA GLN A 299 17.25 -9.19 -8.81
C GLN A 299 17.88 -8.01 -9.53
N THR A 300 18.17 -8.20 -10.81
CA THR A 300 18.77 -7.20 -11.64
C THR A 300 17.74 -6.91 -12.74
N VAL A 301 17.92 -5.75 -13.35
CA VAL A 301 17.13 -5.15 -14.44
C VAL A 301 15.68 -4.74 -14.04
N SER A 302 14.89 -5.72 -13.59
CA SER A 302 13.53 -5.47 -13.24
C SER A 302 13.04 -6.48 -12.22
N HIS A 303 11.80 -6.31 -11.78
CA HIS A 303 11.20 -7.24 -10.83
C HIS A 303 10.95 -8.65 -11.41
N SER A 304 11.04 -8.78 -12.72
CA SER A 304 11.09 -10.08 -13.42
C SER A 304 12.51 -10.63 -13.71
N GLY A 305 13.54 -9.96 -13.24
CA GLY A 305 14.88 -10.26 -13.67
C GLY A 305 15.59 -11.31 -12.86
N PRO A 306 16.76 -11.74 -13.35
CA PRO A 306 17.46 -12.80 -12.71
C PRO A 306 18.24 -12.29 -11.47
N TRP A 307 18.59 -13.23 -10.60
CA TRP A 307 19.26 -12.88 -9.33
C TRP A 307 20.81 -12.77 -9.50
N SER A 308 21.39 -11.81 -8.80
CA SER A 308 22.83 -11.59 -8.83
C SER A 308 23.50 -12.68 -7.98
N SER A 309 24.81 -12.69 -8.10
CA SER A 309 25.65 -13.45 -7.21
C SER A 309 25.63 -12.75 -5.89
N TRP A 310 26.09 -13.45 -4.88
CA TRP A 310 26.13 -12.90 -3.54
C TRP A 310 27.25 -11.85 -3.44
N GLN A 311 27.06 -10.84 -2.61
CA GLN A 311 28.09 -9.85 -2.33
C GLN A 311 28.08 -9.54 -0.84
N SER A 312 29.25 -9.32 -0.26
CA SER A 312 29.34 -8.97 1.18
C SER A 312 29.09 -7.47 1.43
N LEU A 313 28.33 -7.21 2.51
CA LEU A 313 28.17 -5.85 3.04
C LEU A 313 28.92 -5.70 4.36
N ASN A 314 29.93 -6.52 4.51
CA ASN A 314 30.80 -6.50 5.70
C ASN A 314 30.03 -6.48 7.06
N GLY A 315 30.66 -5.97 8.13
CA GLY A 315 30.08 -6.07 9.46
C GLY A 315 30.36 -7.42 10.08
N VAL A 316 30.17 -7.50 11.41
CA VAL A 316 30.17 -8.75 12.11
C VAL A 316 28.89 -8.71 12.89
N ILE A 317 27.98 -9.63 12.58
CA ILE A 317 26.63 -9.55 13.15
C ILE A 317 26.29 -10.80 13.92
N THR A 318 25.43 -10.63 14.93
CA THR A 318 25.05 -11.68 15.84
C THR A 318 23.55 -11.95 15.85
N SER A 319 22.91 -11.71 14.71
CA SER A 319 21.55 -12.05 14.51
C SER A 319 21.33 -12.08 13.01
N ALA A 320 20.17 -12.55 12.58
CA ALA A 320 19.73 -12.31 11.20
C ALA A 320 19.53 -10.85 11.01
N PRO A 321 19.61 -10.38 9.76
CA PRO A 321 19.31 -9.00 9.40
C PRO A 321 17.78 -8.82 9.30
N THR A 322 17.35 -7.54 9.46
CA THR A 322 16.02 -7.12 9.21
C THR A 322 16.10 -6.05 8.16
N ALA A 323 15.36 -6.22 7.06
CA ALA A 323 15.43 -5.32 5.90
C ALA A 323 14.09 -4.63 5.64
N VAL A 324 14.14 -3.35 5.27
CA VAL A 324 12.93 -2.54 5.02
C VAL A 324 13.23 -1.41 4.10
N ARG A 325 12.24 -1.01 3.30
CA ARG A 325 12.41 0.14 2.48
C ARG A 325 11.82 1.39 3.21
N ASP A 326 12.59 2.45 3.20
CA ASP A 326 12.25 3.70 3.90
C ASP A 326 11.49 4.66 3.01
N ALA A 327 11.22 5.84 3.55
CA ALA A 327 10.38 6.77 2.87
C ALA A 327 11.05 7.47 1.72
N ASP A 328 12.38 7.37 1.60
CA ASP A 328 13.11 7.83 0.44
C ASP A 328 13.30 6.71 -0.65
N GLY A 329 12.68 5.55 -0.46
CA GLY A 329 12.77 4.40 -1.41
C GLY A 329 14.05 3.57 -1.32
N ARG A 330 14.76 3.69 -0.20
CA ARG A 330 16.06 3.05 0.00
C ARG A 330 15.93 1.96 1.02
N LEU A 331 16.60 0.84 0.77
CA LEU A 331 16.63 -0.28 1.73
C LEU A 331 17.55 0.07 2.91
N GLU A 332 17.05 -0.18 4.11
CA GLU A 332 17.77 -0.09 5.34
C GLU A 332 17.83 -1.45 5.98
N VAL A 333 18.97 -1.82 6.58
CA VAL A 333 19.09 -3.12 7.13
C VAL A 333 19.73 -3.03 8.53
N PHE A 334 19.03 -3.62 9.48
CA PHE A 334 19.41 -3.69 10.89
C PHE A 334 19.92 -5.10 11.23
N ALA A 335 20.86 -5.18 12.19
CA ALA A 335 21.31 -6.44 12.71
C ALA A 335 22.04 -6.18 14.01
N ARG A 336 21.93 -7.15 14.91
CA ARG A 336 22.63 -7.07 16.21
C ARG A 336 24.10 -7.17 15.95
N GLY A 337 24.88 -6.41 16.71
CA GLY A 337 26.36 -6.40 16.51
C GLY A 337 27.01 -7.18 17.64
N THR A 338 28.33 -7.32 17.54
CA THR A 338 29.12 -8.10 18.53
C THR A 338 29.01 -7.54 19.96
N ASP A 339 28.63 -6.26 20.09
CA ASP A 339 28.39 -5.62 21.40
C ASP A 339 26.94 -5.74 21.86
N ASN A 340 26.14 -6.52 21.13
CA ASN A 340 24.67 -6.64 21.37
C ASN A 340 23.81 -5.37 21.15
N ALA A 341 24.41 -4.33 20.61
CA ALA A 341 23.66 -3.18 20.13
C ALA A 341 23.04 -3.44 18.75
N LEU A 342 22.01 -2.66 18.40
CA LEU A 342 21.42 -2.78 17.05
C LEU A 342 22.25 -1.91 16.12
N TRP A 343 22.73 -2.42 15.00
CA TRP A 343 23.54 -1.64 14.06
C TRP A 343 22.77 -1.56 12.77
N LEU A 344 23.19 -0.63 11.91
CA LEU A 344 22.39 -0.23 10.74
C LEU A 344 23.30 0.20 9.56
N THR A 345 22.88 -0.16 8.35
CA THR A 345 23.54 0.19 7.11
C THR A 345 22.41 0.37 6.08
N TRP A 346 22.59 1.30 5.17
CA TRP A 346 21.58 1.60 4.13
C TRP A 346 22.17 1.74 2.75
N GLN A 347 21.30 1.63 1.75
CA GLN A 347 21.71 1.92 0.36
C GLN A 347 22.08 3.42 0.18
N THR A 348 23.18 3.64 -0.54
CA THR A 348 23.46 4.96 -1.11
C THR A 348 23.26 4.88 -2.62
N ALA A 349 23.45 6.00 -3.31
CA ALA A 349 23.46 5.99 -4.78
C ALA A 349 24.53 5.01 -5.27
N SER A 350 25.71 5.13 -4.70
CA SER A 350 26.93 4.37 -5.13
C SER A 350 27.05 2.91 -4.59
N SER A 351 26.79 2.74 -3.28
CA SER A 351 27.21 1.59 -2.53
C SER A 351 26.23 1.33 -1.40
N TRP A 352 26.76 0.98 -0.22
CA TRP A 352 25.99 0.96 1.02
C TRP A 352 26.82 1.75 2.05
N SER A 353 26.12 2.38 2.99
CA SER A 353 26.77 3.25 4.00
C SER A 353 27.57 2.43 5.03
N PRO A 354 28.53 3.06 5.72
CA PRO A 354 29.23 2.34 6.80
C PRO A 354 28.23 1.90 7.87
N TRP A 355 28.45 0.74 8.46
CA TRP A 355 27.67 0.30 9.61
C TRP A 355 27.77 1.34 10.76
N ILE A 356 26.60 1.71 11.31
CA ILE A 356 26.49 2.65 12.42
CA ILE A 356 26.54 2.60 12.45
C ILE A 356 25.72 1.98 13.55
N SER A 357 25.98 2.42 14.79
CA SER A 357 25.33 1.84 15.97
C SER A 357 24.13 2.64 16.42
N LEU A 358 23.02 1.96 16.68
CA LEU A 358 21.85 2.62 17.33
C LEU A 358 21.81 2.34 18.84
N GLY A 359 22.91 1.85 19.39
CA GLY A 359 22.95 1.57 20.81
C GLY A 359 21.99 0.42 21.19
N GLY A 360 21.62 0.37 22.48
CA GLY A 360 20.75 -0.67 23.01
C GLY A 360 21.53 -1.90 23.39
N VAL A 361 20.90 -2.76 24.17
CA VAL A 361 21.39 -4.13 24.43
C VAL A 361 20.20 -5.05 24.23
N LEU A 362 20.19 -5.78 23.13
CA LEU A 362 19.09 -6.61 22.74
C LEU A 362 19.36 -8.12 22.90
N ILE A 363 18.31 -8.86 23.21
CA ILE A 363 18.39 -10.30 23.29
C ILE A 363 17.44 -10.97 22.31
N ASP A 364 17.74 -12.21 21.97
CA ASP A 364 16.86 -13.03 21.16
C ASP A 364 15.87 -13.82 22.09
N ALA A 365 14.60 -13.34 22.16
CA ALA A 365 13.57 -13.96 22.98
C ALA A 365 12.63 -14.92 22.22
N SER A 366 13.03 -15.33 21.02
CA SER A 366 12.20 -16.17 20.12
C SER A 366 11.70 -17.43 20.89
N ALA A 367 10.42 -17.71 20.78
CA ALA A 367 9.82 -18.85 21.48
C ALA A 367 10.28 -20.19 20.84
N ILE A 368 10.64 -20.12 19.55
CA ILE A 368 11.25 -21.22 18.83
C ILE A 368 12.56 -20.78 18.27
N LYS A 369 13.60 -21.57 18.57
CA LYS A 369 14.96 -21.35 18.10
C LYS A 369 15.54 -22.64 17.55
N THR B 26 -17.52 27.00 -14.48
CA THR B 26 -16.45 26.32 -15.34
C THR B 26 -15.25 25.83 -14.53
N ILE B 27 -14.56 24.86 -15.11
CA ILE B 27 -13.30 24.37 -14.54
C ILE B 27 -12.30 24.15 -15.66
N ALA B 28 -11.01 24.12 -15.32
CA ALA B 28 -9.92 23.70 -16.23
C ALA B 28 -10.23 22.35 -16.93
N LEU B 29 -9.81 22.21 -18.17
CA LEU B 29 -10.02 20.98 -18.92
C LEU B 29 -9.62 19.75 -18.11
N SER B 30 -10.50 18.77 -18.10
CA SER B 30 -10.39 17.61 -17.22
C SER B 30 -9.44 16.52 -17.78
N GLU B 31 -8.96 15.68 -16.88
CA GLU B 31 -8.48 14.32 -17.22
C GLU B 31 -9.58 13.60 -17.98
N ILE B 32 -9.15 12.84 -19.00
CA ILE B 32 -10.02 12.12 -19.94
C ILE B 32 -10.12 10.61 -19.57
N VAL B 33 -9.24 10.12 -18.68
CA VAL B 33 -9.23 8.70 -18.31
C VAL B 33 -9.01 8.57 -16.82
N SER B 34 -9.47 7.45 -16.31
CA SER B 34 -9.22 7.00 -14.93
C SER B 34 -8.27 5.82 -15.08
N VAL B 35 -7.17 5.83 -14.29
CA VAL B 35 -6.17 4.78 -14.39
CA VAL B 35 -6.15 4.81 -14.39
C VAL B 35 -5.72 4.29 -13.04
N VAL B 36 -5.54 2.95 -12.94
CA VAL B 36 -4.89 2.37 -11.78
C VAL B 36 -3.83 1.31 -12.14
N ASN B 37 -2.93 1.09 -11.19
CA ASN B 37 -1.98 -0.02 -11.19
C ASN B 37 -2.71 -1.21 -10.47
N THR B 38 -3.08 -2.23 -11.20
CA THR B 38 -3.95 -3.31 -10.67
C THR B 38 -3.21 -4.30 -9.78
N SER B 39 -3.96 -5.25 -9.23
CA SER B 39 -3.39 -6.23 -8.27
C SER B 39 -2.30 -7.13 -8.85
N ASP B 40 -2.30 -7.28 -10.16
CA ASP B 40 -1.25 -8.05 -10.83
C ASP B 40 -0.20 -7.11 -11.49
N GLY B 41 -0.14 -5.86 -11.02
CA GLY B 41 0.89 -4.92 -11.48
C GLY B 41 0.82 -4.43 -12.89
N ARG B 42 -0.35 -4.54 -13.51
CA ARG B 42 -0.55 -3.99 -14.87
C ARG B 42 -1.41 -2.71 -14.81
N LEU B 43 -1.02 -1.69 -15.54
CA LEU B 43 -1.86 -0.50 -15.67
C LEU B 43 -3.13 -0.78 -16.45
N GLU B 44 -4.21 -0.13 -16.05
CA GLU B 44 -5.50 -0.30 -16.71
C GLU B 44 -6.21 1.05 -16.72
N VAL B 45 -6.64 1.50 -17.91
CA VAL B 45 -7.22 2.83 -18.11
C VAL B 45 -8.67 2.64 -18.57
N PHE B 46 -9.51 3.53 -18.11
CA PHE B 46 -10.91 3.59 -18.47
C PHE B 46 -11.24 4.93 -19.01
N GLY B 47 -11.93 4.95 -20.14
CA GLY B 47 -12.40 6.19 -20.75
C GLY B 47 -13.79 6.05 -21.36
N VAL B 48 -14.26 7.14 -21.97
CA VAL B 48 -15.58 7.14 -22.61
C VAL B 48 -15.44 7.29 -24.12
N GLY B 49 -16.10 6.40 -24.84
CA GLY B 49 -16.04 6.43 -26.31
C GLY B 49 -17.11 7.36 -26.88
N THR B 50 -17.07 7.50 -28.19
CA THR B 50 -18.02 8.32 -28.97
C THR B 50 -19.45 7.79 -28.86
N ASP B 51 -19.57 6.53 -28.58
CA ASP B 51 -20.83 5.85 -28.31
C ASP B 51 -21.39 5.98 -26.82
N LYS B 52 -20.66 6.73 -25.98
CA LYS B 52 -20.93 6.94 -24.58
C LYS B 52 -20.80 5.70 -23.75
N ALA B 53 -20.17 4.63 -24.28
CA ALA B 53 -19.91 3.44 -23.49
C ALA B 53 -18.58 3.63 -22.74
N VAL B 54 -18.37 2.88 -21.68
CA VAL B 54 -17.07 2.87 -21.04
C VAL B 54 -16.22 1.84 -21.72
N TRP B 55 -15.02 2.24 -22.13
CA TRP B 55 -14.03 1.38 -22.75
C TRP B 55 -12.80 1.35 -21.82
N HIS B 56 -12.08 0.24 -21.90
CA HIS B 56 -10.89 0.11 -21.10
C HIS B 56 -9.78 -0.59 -21.90
N ASN B 57 -8.56 -0.49 -21.38
CA ASN B 57 -7.31 -0.91 -22.03
C ASN B 57 -6.34 -1.26 -20.93
N ARG B 58 -5.59 -2.34 -21.09
CA ARG B 58 -4.64 -2.74 -20.03
C ARG B 58 -3.38 -3.31 -20.56
N GLN B 59 -2.32 -3.17 -19.76
CA GLN B 59 -1.03 -3.77 -20.08
C GLN B 59 -1.13 -5.30 -20.02
N MET B 60 -0.48 -5.97 -20.94
CA MET B 60 -0.33 -7.42 -20.93
C MET B 60 0.61 -7.87 -19.85
N ALA B 61 1.60 -7.07 -19.59
CA ALA B 61 2.69 -7.40 -18.68
C ALA B 61 2.95 -6.28 -17.69
N PRO B 62 3.53 -6.63 -16.52
CA PRO B 62 3.61 -5.64 -15.40
C PRO B 62 4.87 -4.80 -15.45
N HIS B 63 5.06 -4.10 -16.57
CA HIS B 63 6.30 -3.36 -16.85
C HIS B 63 6.12 -2.17 -17.75
N THR B 64 7.00 -1.16 -17.58
CA THR B 64 7.01 -0.02 -18.42
C THR B 64 7.26 -0.45 -19.89
N GLY B 65 6.46 0.09 -20.78
CA GLY B 65 6.52 -0.28 -22.19
C GLY B 65 5.87 -1.60 -22.59
N SER B 66 5.13 -2.24 -21.70
CA SER B 66 4.35 -3.43 -22.05
C SER B 66 3.41 -3.17 -23.19
N PRO B 67 3.17 -4.19 -24.00
CA PRO B 67 2.07 -4.06 -24.97
C PRO B 67 0.75 -3.91 -24.28
N TRP B 68 -0.23 -3.40 -25.00
CA TRP B 68 -1.54 -3.14 -24.49
C TRP B 68 -2.61 -4.04 -25.13
N SER B 69 -3.72 -4.17 -24.41
CA SER B 69 -4.80 -5.06 -24.84
C SER B 69 -5.46 -4.46 -26.10
N GLY B 70 -5.47 -3.12 -26.15
CA GLY B 70 -6.30 -2.36 -27.11
C GLY B 70 -7.61 -2.12 -26.41
N TRP B 71 -8.44 -1.30 -27.03
CA TRP B 71 -9.68 -0.84 -26.41
C TRP B 71 -10.80 -1.85 -26.57
N SER B 72 -11.51 -2.13 -25.50
CA SER B 72 -12.71 -3.00 -25.53
C SER B 72 -13.77 -2.34 -24.68
N SER B 73 -15.02 -2.54 -25.07
CA SER B 73 -16.13 -1.86 -24.45
C SER B 73 -16.72 -2.64 -23.27
N LEU B 74 -16.95 -1.99 -22.13
CA LEU B 74 -17.77 -2.58 -21.05
C LEU B 74 -19.24 -2.19 -21.23
N LYS B 75 -19.59 -1.58 -22.38
CA LYS B 75 -20.89 -1.05 -22.72
C LYS B 75 -21.35 -0.01 -21.68
N GLY B 76 -22.65 0.07 -21.41
CA GLY B 76 -23.21 1.15 -20.61
C GLY B 76 -23.42 2.39 -21.47
N GLN B 77 -24.12 3.38 -20.89
CA GLN B 77 -24.27 4.69 -21.51
C GLN B 77 -24.00 5.65 -20.37
N VAL B 78 -22.93 6.45 -20.40
CA VAL B 78 -22.58 7.25 -19.24
C VAL B 78 -22.68 8.74 -19.51
N THR B 79 -22.86 9.50 -18.45
CA THR B 79 -23.02 10.94 -18.49
C THR B 79 -22.11 11.65 -17.48
N SER B 80 -21.09 10.94 -17.01
CA SER B 80 -20.00 11.51 -16.24
C SER B 80 -18.67 10.90 -16.69
N LYS B 81 -17.59 11.40 -16.13
CA LYS B 81 -16.35 10.66 -16.17
C LYS B 81 -16.63 9.38 -15.47
N PRO B 82 -16.16 8.21 -16.00
CA PRO B 82 -16.18 6.98 -15.25
C PRO B 82 -14.92 6.91 -14.42
N VAL B 83 -15.04 6.40 -13.21
CA VAL B 83 -13.91 6.37 -12.29
C VAL B 83 -13.77 4.93 -11.79
N VAL B 84 -12.57 4.37 -11.95
CA VAL B 84 -12.27 3.06 -11.45
C VAL B 84 -11.69 3.20 -10.01
N TYR B 85 -11.98 2.19 -9.20
CA TYR B 85 -11.37 2.10 -7.85
C TYR B 85 -11.05 0.63 -7.60
N ILE B 86 -10.03 0.34 -6.79
CA ILE B 86 -9.71 -1.04 -6.46
C ILE B 86 -10.29 -1.39 -5.09
N ASN B 87 -11.18 -2.39 -5.06
CA ASN B 87 -11.66 -2.96 -3.77
C ASN B 87 -10.50 -3.56 -2.94
N THR B 88 -10.71 -3.67 -1.64
CA THR B 88 -9.66 -4.14 -0.76
C THR B 88 -9.38 -5.64 -0.96
N ASP B 89 -10.19 -6.33 -1.73
CA ASP B 89 -9.90 -7.68 -2.23
C ASP B 89 -9.28 -7.73 -3.63
N GLY B 90 -8.82 -6.61 -4.15
CA GLY B 90 -8.18 -6.56 -5.49
C GLY B 90 -9.06 -6.29 -6.71
N ARG B 91 -10.35 -6.52 -6.58
CA ARG B 91 -11.29 -6.38 -7.71
C ARG B 91 -11.54 -4.94 -8.11
N LEU B 92 -11.46 -4.65 -9.39
CA LEU B 92 -11.78 -3.36 -9.92
C LEU B 92 -13.28 -3.11 -9.95
N GLU B 93 -13.67 -1.87 -9.71
CA GLU B 93 -15.07 -1.44 -9.75
C GLU B 93 -15.11 -0.05 -10.38
N VAL B 94 -15.98 0.12 -11.38
CA VAL B 94 -16.05 1.35 -12.10
C VAL B 94 -17.39 2.02 -11.75
N PHE B 95 -17.34 3.33 -11.49
CA PHE B 95 -18.53 4.13 -11.12
C PHE B 95 -18.72 5.23 -12.12
N ALA B 96 -19.96 5.48 -12.50
CA ALA B 96 -20.31 6.54 -13.42
C ALA B 96 -21.81 6.92 -13.29
N ARG B 97 -22.12 8.16 -13.63
CA ARG B 97 -23.52 8.58 -13.73
C ARG B 97 -24.11 8.01 -15.00
N GLY B 98 -25.37 7.61 -14.94
CA GLY B 98 -26.04 7.02 -16.11
C GLY B 98 -26.99 8.04 -16.79
N THR B 99 -27.70 7.59 -17.82
CA THR B 99 -28.56 8.48 -18.57
C THR B 99 -29.83 8.91 -17.79
N ASP B 100 -30.17 8.15 -16.77
CA ASP B 100 -31.21 8.54 -15.78
C ASP B 100 -30.70 9.39 -14.61
N ASN B 101 -29.46 9.87 -14.67
CA ASN B 101 -28.78 10.62 -13.61
C ASN B 101 -28.50 9.90 -12.32
N ALA B 102 -28.71 8.58 -12.30
CA ALA B 102 -28.33 7.79 -11.13
C ALA B 102 -26.84 7.43 -11.20
N LEU B 103 -26.32 7.01 -10.05
CA LEU B 103 -25.04 6.41 -9.94
C LEU B 103 -25.16 4.93 -10.37
N TRP B 104 -24.30 4.53 -11.29
CA TRP B 104 -24.23 3.16 -11.77
C TRP B 104 -22.85 2.63 -11.53
N HIS B 105 -22.74 1.32 -11.58
CA HIS B 105 -21.46 0.67 -11.35
C HIS B 105 -21.41 -0.75 -11.95
N ILE B 106 -20.19 -1.17 -12.19
CA ILE B 106 -19.89 -2.47 -12.78
C ILE B 106 -18.58 -2.92 -12.14
N TRP B 107 -18.45 -4.20 -11.81
CA TRP B 107 -17.27 -4.69 -11.05
C TRP B 107 -16.75 -6.05 -11.58
N GLN B 108 -15.46 -6.30 -11.38
CA GLN B 108 -14.91 -7.60 -11.69
C GLN B 108 -15.51 -8.61 -10.70
N THR B 109 -15.85 -9.76 -11.25
CA THR B 109 -16.31 -10.90 -10.48
C THR B 109 -15.12 -11.52 -9.77
N ALA B 110 -13.91 -11.40 -10.36
CA ALA B 110 -12.64 -11.74 -9.71
C ALA B 110 -11.50 -10.96 -10.35
N THR B 111 -10.30 -10.95 -9.74
CA THR B 111 -9.22 -10.10 -10.26
C THR B 111 -8.75 -10.42 -11.73
N ASN B 112 -8.85 -11.70 -12.09
CA ASN B 112 -8.48 -12.17 -13.43
CA ASN B 112 -8.51 -12.14 -13.47
C ASN B 112 -9.65 -12.94 -14.11
N ALA B 113 -10.87 -12.40 -13.92
CA ALA B 113 -12.08 -12.89 -14.58
C ALA B 113 -12.79 -11.72 -15.20
N GLY B 114 -14.05 -11.90 -15.56
CA GLY B 114 -14.77 -10.86 -16.27
C GLY B 114 -15.51 -9.94 -15.33
N TRP B 115 -16.50 -9.28 -15.89
CA TRP B 115 -17.20 -8.18 -15.22
C TRP B 115 -18.66 -8.54 -14.97
N SER B 116 -19.25 -7.93 -13.94
CA SER B 116 -20.67 -8.06 -13.63
C SER B 116 -21.45 -7.37 -14.71
N ASN B 117 -22.75 -7.40 -14.60
CA ASN B 117 -23.62 -6.50 -15.34
C ASN B 117 -23.56 -5.12 -14.70
N TRP B 118 -23.88 -4.11 -15.51
CA TRP B 118 -24.06 -2.75 -14.98
C TRP B 118 -25.27 -2.79 -14.02
N GLN B 119 -25.11 -2.17 -12.86
CA GLN B 119 -26.15 -2.09 -11.85
CA GLN B 119 -26.14 -2.10 -11.84
C GLN B 119 -26.30 -0.67 -11.35
N SER B 120 -27.56 -0.28 -11.03
CA SER B 120 -27.82 1.09 -10.59
C SER B 120 -27.70 1.12 -9.09
N LEU B 121 -27.11 2.17 -8.58
CA LEU B 121 -27.16 2.49 -7.10
C LEU B 121 -28.12 3.66 -6.87
N GLY B 122 -28.91 3.99 -7.89
CA GLY B 122 -29.94 5.00 -7.66
C GLY B 122 -29.40 6.41 -7.46
N GLY B 123 -30.20 7.25 -6.78
CA GLY B 123 -29.84 8.68 -6.59
C GLY B 123 -30.03 9.48 -7.85
N VAL B 124 -29.89 10.78 -7.70
CA VAL B 124 -29.81 11.72 -8.81
C VAL B 124 -28.64 12.57 -8.47
N ILE B 125 -27.62 12.56 -9.34
CA ILE B 125 -26.38 13.23 -9.06
C ILE B 125 -26.01 14.17 -10.20
N THR B 126 -25.14 15.12 -9.91
CA THR B 126 -24.77 16.21 -10.83
C THR B 126 -23.28 16.45 -10.86
N SER B 127 -22.47 15.46 -10.44
CA SER B 127 -20.98 15.51 -10.67
C SER B 127 -20.47 14.11 -11.04
N ASN B 128 -19.21 14.05 -11.37
CA ASN B 128 -18.51 12.75 -11.38
C ASN B 128 -18.50 12.17 -9.95
N PRO B 129 -18.55 10.81 -9.82
CA PRO B 129 -18.37 10.20 -8.56
C PRO B 129 -16.92 10.29 -8.08
N ALA B 130 -16.76 10.43 -6.77
CA ALA B 130 -15.48 10.32 -6.08
C ALA B 130 -15.50 9.13 -5.12
N ILE B 131 -14.47 8.28 -5.15
CA ILE B 131 -14.53 7.00 -4.42
C ILE B 131 -13.33 6.82 -3.49
N TYR B 132 -13.57 6.29 -2.31
CA TYR B 132 -12.45 5.79 -1.47
C TYR B 132 -12.87 4.62 -0.64
N ALA B 133 -11.89 3.79 -0.25
CA ALA B 133 -12.20 2.69 0.70
C ALA B 133 -11.99 3.20 2.10
N ASN B 134 -13.01 3.01 2.97
CA ASN B 134 -12.81 3.10 4.42
C ASN B 134 -11.78 2.12 4.93
N THR B 135 -11.30 2.31 6.16
CA THR B 135 -10.34 1.43 6.73
C THR B 135 -10.90 0.02 6.96
N ASP B 136 -12.23 -0.07 7.06
CA ASP B 136 -12.93 -1.33 7.20
C ASP B 136 -13.21 -2.02 5.83
N GLY B 137 -12.70 -1.46 4.72
CA GLY B 137 -12.92 -2.08 3.46
C GLY B 137 -14.15 -1.71 2.72
N ARG B 138 -15.04 -0.90 3.31
CA ARG B 138 -16.27 -0.45 2.63
CA ARG B 138 -16.26 -0.46 2.65
C ARG B 138 -15.96 0.72 1.74
N LEU B 139 -16.21 0.56 0.46
CA LEU B 139 -16.14 1.68 -0.48
C LEU B 139 -17.26 2.70 -0.11
N GLU B 140 -16.92 3.97 -0.24
CA GLU B 140 -17.82 5.08 -0.06
C GLU B 140 -17.69 6.00 -1.25
N VAL B 141 -18.86 6.37 -1.84
CA VAL B 141 -18.92 7.14 -3.06
C VAL B 141 -19.59 8.52 -2.73
N PHE B 142 -18.98 9.57 -3.22
CA PHE B 142 -19.40 11.00 -2.96
C PHE B 142 -19.74 11.60 -4.31
N ALA B 143 -20.90 12.23 -4.40
CA ALA B 143 -21.30 12.95 -5.61
C ALA B 143 -22.20 14.15 -5.26
N ARG B 144 -22.15 15.18 -6.07
CA ARG B 144 -23.02 16.34 -5.91
C ARG B 144 -24.42 15.93 -6.30
N GLY B 145 -25.43 16.49 -5.59
CA GLY B 145 -26.85 16.26 -5.89
C GLY B 145 -27.44 17.42 -6.68
N ALA B 146 -28.69 17.27 -7.06
CA ALA B 146 -29.46 18.37 -7.75
C ALA B 146 -29.63 19.67 -6.91
N ASP B 147 -29.56 19.52 -5.60
CA ASP B 147 -29.51 20.64 -4.69
C ASP B 147 -28.11 21.23 -4.49
N ASN B 148 -27.12 20.72 -5.23
CA ASN B 148 -25.69 21.12 -5.18
C ASN B 148 -24.98 20.86 -3.86
N ALA B 149 -25.59 20.03 -3.02
CA ALA B 149 -24.93 19.53 -1.81
C ALA B 149 -24.13 18.28 -2.15
N LEU B 150 -23.20 17.96 -1.26
CA LEU B 150 -22.43 16.74 -1.37
C LEU B 150 -23.18 15.58 -0.78
N TRP B 151 -23.51 14.57 -1.59
CA TRP B 151 -24.17 13.35 -1.13
C TRP B 151 -23.17 12.17 -1.14
N HIS B 152 -23.52 11.15 -0.38
CA HIS B 152 -22.77 9.90 -0.29
C HIS B 152 -23.56 8.62 -0.02
N ILE B 153 -22.90 7.51 -0.35
CA ILE B 153 -23.48 6.19 -0.23
C ILE B 153 -22.32 5.21 -0.02
N SER B 154 -22.55 4.11 0.73
CA SER B 154 -21.46 3.16 1.00
C SER B 154 -21.86 1.68 0.90
N GLN B 155 -20.85 0.84 0.62
CA GLN B 155 -21.01 -0.58 0.80
C GLN B 155 -21.36 -0.81 2.26
N THR B 156 -22.29 -1.73 2.55
CA THR B 156 -22.66 -2.05 3.93
C THR B 156 -21.64 -3.01 4.56
N THR B 157 -20.87 -3.75 3.75
CA THR B 157 -19.83 -4.70 4.27
CA THR B 157 -19.89 -4.73 4.23
C THR B 157 -18.66 -4.65 3.31
N ALA B 158 -17.50 -5.10 3.77
CA ALA B 158 -16.25 -4.86 2.98
C ALA B 158 -16.37 -5.36 1.55
N HIS B 159 -15.86 -4.57 0.60
CA HIS B 159 -15.78 -4.94 -0.83
C HIS B 159 -16.99 -5.75 -1.36
N SER B 160 -18.15 -5.33 -0.95
CA SER B 160 -19.41 -6.01 -1.36
C SER B 160 -20.64 -5.13 -1.30
N GLY B 161 -21.60 -5.42 -2.17
CA GLY B 161 -22.99 -5.03 -1.92
C GLY B 161 -23.62 -5.86 -0.83
N PRO B 162 -24.77 -5.46 -0.31
CA PRO B 162 -25.55 -4.33 -0.79
C PRO B 162 -25.04 -3.01 -0.22
N TRP B 163 -25.59 -1.91 -0.71
CA TRP B 163 -25.14 -0.58 -0.32
C TRP B 163 -26.17 0.11 0.59
N SER B 164 -25.70 1.14 1.28
CA SER B 164 -26.51 1.97 2.17
C SER B 164 -27.46 2.75 1.31
N SER B 165 -28.37 3.45 1.98
CA SER B 165 -29.16 4.40 1.23
C SER B 165 -28.30 5.66 1.05
N TRP B 166 -28.67 6.52 0.11
CA TRP B 166 -28.03 7.84 -0.08
C TRP B 166 -28.32 8.79 1.13
N ALA B 167 -27.37 9.61 1.48
CA ALA B 167 -27.56 10.68 2.49
C ALA B 167 -26.76 11.88 2.04
N SER B 168 -27.04 13.05 2.63
CA SER B 168 -26.33 14.28 2.32
C SER B 168 -25.29 14.72 3.34
N LEU B 169 -24.22 15.34 2.87
CA LEU B 169 -23.31 16.02 3.78
C LEU B 169 -23.44 17.52 3.61
N ASN B 170 -24.47 17.96 2.91
CA ASN B 170 -24.77 19.40 2.83
C ASN B 170 -23.68 20.13 2.03
N GLY B 171 -23.51 21.43 2.25
CA GLY B 171 -22.70 22.28 1.45
C GLY B 171 -23.41 22.69 0.18
N VAL B 172 -22.71 23.57 -0.59
CA VAL B 172 -23.08 24.03 -1.91
C VAL B 172 -21.76 24.07 -2.74
N ILE B 173 -21.56 23.05 -3.57
CA ILE B 173 -20.30 22.88 -4.29
C ILE B 173 -20.44 23.16 -5.78
N THR B 174 -19.30 23.60 -6.36
CA THR B 174 -19.24 24.10 -7.74
C THR B 174 -18.17 23.41 -8.60
N SER B 175 -17.64 22.28 -8.10
CA SER B 175 -16.62 21.52 -8.87
C SER B 175 -16.91 20.07 -8.61
N ASN B 176 -16.26 19.15 -9.34
CA ASN B 176 -16.33 17.74 -8.94
C ASN B 176 -15.65 17.62 -7.53
N PRO B 177 -16.21 16.82 -6.64
CA PRO B 177 -15.52 16.60 -5.35
C PRO B 177 -14.37 15.61 -5.54
N THR B 178 -13.40 15.68 -4.63
CA THR B 178 -12.36 14.64 -4.55
CA THR B 178 -12.29 14.71 -4.56
C THR B 178 -12.18 14.21 -3.10
N VAL B 179 -12.09 12.88 -2.93
CA VAL B 179 -11.95 12.29 -1.58
C VAL B 179 -10.59 11.67 -1.44
N HIS B 180 -9.99 11.77 -0.23
CA HIS B 180 -8.82 11.02 0.13
C HIS B 180 -8.92 10.57 1.60
N ILE B 181 -8.06 9.66 2.02
CA ILE B 181 -8.04 9.24 3.37
C ILE B 181 -6.83 9.82 4.08
N ASN B 182 -7.04 10.20 5.33
CA ASN B 182 -5.91 10.68 6.16
C ASN B 182 -5.10 9.52 6.66
N SER B 183 -3.96 9.84 7.25
CA SER B 183 -3.06 8.82 7.79
C SER B 183 -3.56 8.14 9.09
N ASP B 184 -4.63 8.66 9.68
CA ASP B 184 -5.33 8.07 10.81
C ASP B 184 -6.65 7.43 10.42
N GLY B 185 -6.88 7.29 9.14
CA GLY B 185 -8.03 6.57 8.63
C GLY B 185 -9.30 7.32 8.34
N ARG B 186 -9.32 8.63 8.55
CA ARG B 186 -10.56 9.41 8.37
C ARG B 186 -10.62 10.00 6.95
N LEU B 187 -11.73 9.76 6.29
CA LEU B 187 -11.91 10.24 4.92
C LEU B 187 -12.04 11.71 4.99
N GLU B 188 -11.65 12.37 3.91
CA GLU B 188 -11.73 13.83 3.81
C GLU B 188 -12.03 14.18 2.36
N VAL B 189 -13.03 15.02 2.19
CA VAL B 189 -13.55 15.37 0.88
C VAL B 189 -13.29 16.88 0.60
N PHE B 190 -12.89 17.21 -0.63
CA PHE B 190 -12.55 18.55 -1.11
C PHE B 190 -13.37 18.94 -2.31
N ALA B 191 -13.78 20.20 -2.35
CA ALA B 191 -14.59 20.65 -3.46
C ALA B 191 -14.51 22.19 -3.49
N ARG B 192 -14.71 22.75 -4.66
CA ARG B 192 -14.81 24.23 -4.81
C ARG B 192 -16.19 24.70 -4.25
N GLY B 193 -16.21 25.80 -3.53
CA GLY B 193 -17.42 26.39 -3.01
C GLY B 193 -17.99 27.48 -3.93
N THR B 194 -19.14 27.99 -3.52
CA THR B 194 -19.80 29.13 -4.22
C THR B 194 -18.96 30.42 -4.24
N ASP B 195 -18.03 30.59 -3.30
CA ASP B 195 -17.12 31.73 -3.29
C ASP B 195 -15.83 31.46 -4.08
N ASN B 196 -15.77 30.32 -4.76
CA ASN B 196 -14.62 29.84 -5.51
C ASN B 196 -13.38 29.45 -4.67
N ALA B 197 -13.55 29.38 -3.34
CA ALA B 197 -12.51 28.91 -2.48
C ALA B 197 -12.51 27.38 -2.45
N LEU B 198 -11.45 26.82 -1.90
CA LEU B 198 -11.35 25.39 -1.72
C LEU B 198 -11.97 25.13 -0.36
N TRP B 199 -12.95 24.26 -0.35
CA TRP B 199 -13.65 23.84 0.89
C TRP B 199 -13.45 22.33 1.16
N HIS B 200 -13.60 21.99 2.44
CA HIS B 200 -13.42 20.62 2.84
C HIS B 200 -14.20 20.20 4.07
N ILE B 201 -14.32 18.89 4.23
CA ILE B 201 -15.17 18.26 5.28
C ILE B 201 -14.56 16.93 5.52
N TRP B 202 -14.58 16.46 6.77
CA TRP B 202 -13.93 15.16 7.12
C TRP B 202 -14.67 14.32 8.11
N GLN B 203 -14.41 13.01 8.04
CA GLN B 203 -14.91 12.09 9.00
C GLN B 203 -14.27 12.44 10.32
N THR B 204 -15.02 12.32 11.41
CA THR B 204 -14.44 12.52 12.74
C THR B 204 -13.89 11.26 13.38
N ALA B 205 -14.11 10.16 12.72
CA ALA B 205 -13.50 8.87 13.10
C ALA B 205 -13.52 7.98 11.88
N PRO B 206 -12.57 7.04 11.79
CA PRO B 206 -12.60 6.09 10.68
C PRO B 206 -13.91 5.39 10.56
N ASP B 207 -14.33 5.10 9.33
CA ASP B 207 -15.47 4.20 9.02
C ASP B 207 -16.83 4.81 9.43
N SER B 208 -16.82 6.03 9.92
CA SER B 208 -17.92 6.71 10.59
C SER B 208 -18.91 7.35 9.57
N ASN B 209 -20.13 7.54 10.09
CA ASN B 209 -21.04 8.51 9.52
C ASN B 209 -21.05 9.82 10.27
N LEU B 210 -20.07 10.04 11.14
CA LEU B 210 -19.98 11.32 11.82
C LEU B 210 -18.93 12.16 11.09
N TRP B 211 -19.34 13.38 10.68
CA TRP B 211 -18.53 14.25 9.88
C TRP B 211 -18.38 15.60 10.56
N SER B 212 -17.34 16.33 10.19
CA SER B 212 -17.14 17.68 10.70
C SER B 212 -18.11 18.66 9.99
N SER B 213 -17.99 19.96 10.35
CA SER B 213 -18.62 21.00 9.56
C SER B 213 -17.80 21.24 8.29
N TRP B 214 -18.45 21.82 7.29
CA TRP B 214 -17.75 22.34 6.14
C TRP B 214 -16.83 23.48 6.58
N GLU B 215 -15.58 23.53 6.11
CA GLU B 215 -14.67 24.63 6.43
C GLU B 215 -13.94 25.06 5.16
N SER B 216 -13.65 26.35 5.12
CA SER B 216 -12.95 26.97 3.97
C SER B 216 -11.41 27.01 4.13
N LEU B 217 -10.73 26.57 3.12
CA LEU B 217 -9.31 26.78 2.99
C LEU B 217 -8.95 28.03 2.15
N ASN B 218 -9.95 28.87 1.86
CA ASN B 218 -9.77 30.10 1.05
C ASN B 218 -9.16 29.79 -0.33
N GLY B 219 -8.51 30.78 -0.92
CA GLY B 219 -7.98 30.69 -2.26
C GLY B 219 -9.09 30.94 -3.25
N ILE B 220 -8.71 31.09 -4.51
CA ILE B 220 -9.65 31.08 -5.63
C ILE B 220 -9.15 29.97 -6.55
N ILE B 221 -9.94 28.92 -6.79
CA ILE B 221 -9.47 27.82 -7.63
C ILE B 221 -10.30 27.74 -8.94
N THR B 222 -9.59 27.44 -10.03
CA THR B 222 -10.16 27.37 -11.39
C THR B 222 -9.99 25.99 -12.03
N SER B 223 -9.76 24.96 -11.19
CA SER B 223 -9.82 23.54 -11.60
C SER B 223 -10.48 22.74 -10.51
N ASP B 224 -10.84 21.48 -10.82
CA ASP B 224 -11.09 20.50 -9.77
C ASP B 224 -9.83 20.42 -8.88
N PRO B 225 -10.01 20.19 -7.57
CA PRO B 225 -8.87 19.87 -6.71
C PRO B 225 -8.34 18.46 -6.97
N VAL B 226 -7.04 18.30 -6.74
CA VAL B 226 -6.35 17.00 -6.81
C VAL B 226 -5.72 16.88 -5.43
N VAL B 227 -5.95 15.72 -4.80
CA VAL B 227 -5.49 15.50 -3.39
C VAL B 227 -4.62 14.28 -3.36
N ILE B 228 -3.48 14.40 -2.65
CA ILE B 228 -2.53 13.32 -2.48
CA ILE B 228 -2.58 13.28 -2.45
C ILE B 228 -2.20 13.24 -0.99
N ASP B 229 -1.66 12.11 -0.54
CA ASP B 229 -1.06 11.99 0.79
C ASP B 229 0.42 12.00 0.61
N THR B 230 1.13 12.79 1.42
CA THR B 230 2.60 12.78 1.35
C THR B 230 3.12 11.56 2.08
N ALA B 231 4.39 11.31 1.84
CA ALA B 231 5.11 10.18 2.52
C ALA B 231 5.06 10.33 4.04
N ASP B 232 5.05 11.58 4.49
CA ASP B 232 5.02 11.86 5.93
C ASP B 232 3.60 12.06 6.51
N GLY B 233 2.58 11.60 5.76
CA GLY B 233 1.22 11.41 6.27
C GLY B 233 0.29 12.61 6.22
N ARG B 234 0.58 13.57 5.39
CA ARG B 234 -0.18 14.82 5.31
C ARG B 234 -0.96 14.89 4.01
N LEU B 235 -2.19 15.35 4.07
CA LEU B 235 -2.95 15.66 2.82
C LEU B 235 -2.38 16.94 2.20
N GLU B 236 -2.36 16.98 0.86
CA GLU B 236 -1.80 18.08 0.10
C GLU B 236 -2.72 18.20 -1.11
N VAL B 237 -3.19 19.42 -1.35
CA VAL B 237 -4.18 19.61 -2.41
C VAL B 237 -3.55 20.54 -3.45
N PHE B 238 -3.88 20.29 -4.70
CA PHE B 238 -3.33 21.04 -5.81
C PHE B 238 -4.53 21.52 -6.59
N ALA B 239 -4.42 22.74 -7.09
CA ALA B 239 -5.42 23.26 -8.05
C ALA B 239 -4.84 24.39 -8.88
N ARG B 240 -5.45 24.59 -10.03
CA ARG B 240 -5.13 25.80 -10.81
C ARG B 240 -5.74 26.99 -10.08
N GLY B 241 -5.03 28.13 -10.07
CA GLY B 241 -5.53 29.35 -9.38
C GLY B 241 -6.13 30.30 -10.38
N ALA B 242 -6.53 31.46 -9.84
CA ALA B 242 -7.11 32.54 -10.64
C ALA B 242 -6.10 33.08 -11.60
N ASP B 243 -4.83 33.10 -11.25
CA ASP B 243 -3.76 33.49 -12.19
C ASP B 243 -3.33 32.41 -13.18
N ASN B 244 -4.05 31.27 -13.24
CA ASN B 244 -3.63 30.10 -14.04
C ASN B 244 -2.30 29.43 -13.69
N ALA B 245 -1.72 29.78 -12.57
CA ALA B 245 -0.61 29.04 -12.02
C ALA B 245 -1.12 27.79 -11.30
N LEU B 246 -0.22 26.86 -11.06
CA LEU B 246 -0.53 25.71 -10.18
C LEU B 246 -0.20 26.11 -8.77
N TRP B 247 -1.19 25.98 -7.90
CA TRP B 247 -1.13 26.29 -6.46
C TRP B 247 -1.37 25.04 -5.62
N HIS B 248 -0.85 25.04 -4.39
CA HIS B 248 -0.99 23.91 -3.52
C HIS B 248 -0.97 24.39 -2.08
N ILE B 249 -1.58 23.58 -1.21
CA ILE B 249 -1.78 23.85 0.19
C ILE B 249 -1.83 22.51 0.92
N TRP B 250 -1.43 22.48 2.19
CA TRP B 250 -1.33 21.15 2.86
C TRP B 250 -1.55 21.23 4.35
N GLN B 251 -1.92 20.07 4.91
CA GLN B 251 -1.83 19.85 6.35
C GLN B 251 -0.37 20.00 6.83
N THR B 252 -0.15 20.76 7.91
CA THR B 252 1.18 20.93 8.48
C THR B 252 1.59 19.80 9.41
N ILE B 253 0.64 18.99 9.86
CA ILE B 253 0.96 17.88 10.76
C ILE B 253 0.26 16.68 10.21
N SER B 254 0.87 15.51 10.30
CA SER B 254 0.19 14.28 9.88
C SER B 254 -1.26 14.21 10.36
N HIS B 255 -2.19 14.08 9.40
CA HIS B 255 -3.62 14.03 9.61
C HIS B 255 -4.25 15.09 10.54
N SER B 256 -3.71 16.30 10.49
CA SER B 256 -4.18 17.33 11.34
C SER B 256 -3.89 18.71 10.73
N GLY B 257 -4.74 19.69 11.10
CA GLY B 257 -4.41 21.09 11.01
C GLY B 257 -3.34 21.50 12.01
N PRO B 258 -2.80 22.75 11.89
CA PRO B 258 -3.28 23.75 10.93
C PRO B 258 -2.79 23.47 9.53
N TRP B 259 -3.49 24.04 8.55
CA TRP B 259 -3.05 23.98 7.16
C TRP B 259 -2.05 25.11 6.90
N SER B 260 -1.17 24.91 5.91
CA SER B 260 -0.28 25.97 5.43
C SER B 260 -1.18 27.07 4.81
N GLY B 261 -0.58 28.17 4.45
CA GLY B 261 -1.25 29.00 3.44
C GLY B 261 -1.04 28.40 2.05
N TRP B 262 -1.77 28.93 1.07
CA TRP B 262 -1.60 28.63 -0.30
C TRP B 262 -0.19 29.04 -0.75
N GLN B 263 0.43 28.26 -1.59
CA GLN B 263 1.72 28.57 -2.19
C GLN B 263 1.65 28.25 -3.66
N SER B 264 2.22 29.11 -4.47
CA SER B 264 2.28 28.93 -5.91
C SER B 264 3.46 28.04 -6.36
N LEU B 265 3.16 27.16 -7.29
CA LEU B 265 4.18 26.41 -8.05
C LEU B 265 4.41 26.99 -9.45
N ASN B 266 3.87 28.19 -9.67
CA ASN B 266 4.12 28.98 -10.89
C ASN B 266 3.55 28.22 -12.11
N GLY B 267 4.02 28.50 -13.31
CA GLY B 267 3.49 27.88 -14.53
C GLY B 267 2.32 28.69 -14.97
N VAL B 268 1.88 28.44 -16.22
CA VAL B 268 0.61 28.93 -16.70
C VAL B 268 -0.02 27.73 -17.37
N ILE B 269 -1.06 27.19 -16.75
CA ILE B 269 -1.57 25.90 -17.18
C ILE B 269 -2.92 26.04 -17.80
N THR B 270 -3.16 25.23 -18.82
CA THR B 270 -4.39 25.28 -19.60
C THR B 270 -5.25 24.02 -19.45
N SER B 271 -5.03 23.27 -18.37
CA SER B 271 -5.87 22.10 -17.98
C SER B 271 -5.83 21.91 -16.50
N ALA B 272 -6.62 20.96 -15.99
CA ALA B 272 -6.44 20.44 -14.63
C ALA B 272 -5.02 19.90 -14.48
N PRO B 273 -4.45 19.93 -13.24
CA PRO B 273 -3.21 19.25 -13.02
C PRO B 273 -3.47 17.74 -12.71
N ALA B 274 -2.43 16.91 -12.86
CA ALA B 274 -2.38 15.54 -12.38
C ALA B 274 -1.14 15.43 -11.50
N VAL B 275 -1.23 14.74 -10.37
CA VAL B 275 -0.07 14.61 -9.47
C VAL B 275 0.13 13.15 -9.17
N ALA B 276 1.39 12.69 -9.11
CA ALA B 276 1.69 11.31 -8.68
C ALA B 276 2.99 11.27 -7.92
N LYS B 277 3.17 10.16 -7.24
CA LYS B 277 4.41 9.92 -6.48
C LYS B 277 5.38 9.09 -7.28
N ASN B 278 6.60 9.59 -7.45
CA ASN B 278 7.69 8.74 -7.86
C ASN B 278 7.92 7.68 -6.77
N CYS B 279 8.71 6.67 -7.06
CA CYS B 279 8.78 5.48 -6.18
C CYS B 279 9.51 5.87 -4.89
N ASP B 280 10.36 6.87 -4.98
CA ASP B 280 10.99 7.47 -3.79
C ASP B 280 10.16 8.52 -3.07
N ASN B 281 8.90 8.61 -3.47
CA ASN B 281 7.92 9.55 -2.89
C ASN B 281 8.05 11.04 -3.24
N ARG B 282 8.97 11.42 -4.12
CA ARG B 282 8.95 12.75 -4.69
C ARG B 282 7.67 12.97 -5.49
N LEU B 283 6.94 14.03 -5.17
CA LEU B 283 5.73 14.41 -5.94
C LEU B 283 6.12 15.04 -7.27
N GLU B 284 5.28 14.79 -8.29
CA GLU B 284 5.54 15.34 -9.60
C GLU B 284 4.19 15.71 -10.19
N ALA B 285 4.08 16.96 -10.64
CA ALA B 285 2.84 17.47 -11.21
C ALA B 285 2.98 17.65 -12.69
N PHE B 286 1.87 17.44 -13.37
CA PHE B 286 1.77 17.48 -14.81
C PHE B 286 0.57 18.34 -15.18
N ALA B 287 0.66 19.04 -16.30
CA ALA B 287 -0.46 19.82 -16.85
C ALA B 287 -0.17 20.25 -18.23
N ARG B 288 -1.22 20.47 -19.00
CA ARG B 288 -1.07 21.09 -20.29
C ARG B 288 -0.64 22.58 -20.15
N GLY B 289 0.27 23.00 -21.02
CA GLY B 289 0.74 24.40 -21.03
C GLY B 289 0.01 25.27 -22.08
N THR B 290 0.44 26.53 -22.17
CA THR B 290 -0.13 27.50 -23.14
C THR B 290 0.16 27.18 -24.60
N ASP B 291 1.17 26.38 -24.85
CA ASP B 291 1.47 25.87 -26.19
C ASP B 291 0.80 24.49 -26.43
N ASN B 292 -0.11 24.09 -25.56
CA ASN B 292 -0.71 22.75 -25.61
C ASN B 292 0.23 21.57 -25.52
N ALA B 293 1.46 21.79 -25.10
CA ALA B 293 2.35 20.67 -24.77
C ALA B 293 2.10 20.21 -23.32
N LEU B 294 2.55 19.02 -23.01
CA LEU B 294 2.60 18.55 -21.64
C LEU B 294 3.78 19.20 -20.97
N TRP B 295 3.56 19.72 -19.77
CA TRP B 295 4.61 20.24 -18.95
C TRP B 295 4.56 19.57 -17.56
N HIS B 296 5.64 19.66 -16.82
CA HIS B 296 5.77 19.10 -15.51
C HIS B 296 6.77 19.81 -14.66
N THR B 297 6.56 19.69 -13.34
CA THR B 297 7.47 20.16 -12.31
C THR B 297 7.48 19.07 -11.24
N TRP B 298 8.57 18.97 -10.49
CA TRP B 298 8.76 17.85 -9.58
C TRP B 298 9.58 18.26 -8.39
N GLN B 299 9.42 17.55 -7.32
CA GLN B 299 10.30 17.78 -6.17
C GLN B 299 11.67 17.25 -6.51
N THR B 300 12.68 17.86 -5.99
CA THR B 300 14.06 17.48 -6.28
C THR B 300 14.59 16.98 -4.94
N VAL B 301 15.63 16.15 -5.02
CA VAL B 301 16.38 15.60 -3.84
C VAL B 301 15.60 14.56 -3.04
N SER B 302 14.44 14.93 -2.49
CA SER B 302 13.65 13.93 -1.72
C SER B 302 12.24 14.41 -1.63
N HIS B 303 11.39 13.64 -0.96
CA HIS B 303 9.99 14.00 -0.79
C HIS B 303 9.77 15.30 0.06
N SER B 304 10.76 15.73 0.81
CA SER B 304 10.78 17.03 1.49
C SER B 304 11.47 18.12 0.67
N GLY B 305 11.95 17.86 -0.55
CA GLY B 305 12.75 18.87 -1.23
C GLY B 305 11.98 19.91 -2.03
N PRO B 306 12.70 20.91 -2.58
CA PRO B 306 12.04 21.99 -3.34
C PRO B 306 11.57 21.54 -4.73
N TRP B 307 10.65 22.30 -5.29
CA TRP B 307 10.07 21.96 -6.57
C TRP B 307 10.91 22.58 -7.67
N SER B 308 11.16 21.81 -8.72
CA SER B 308 11.81 22.24 -9.95
C SER B 308 11.08 23.35 -10.75
N SER B 309 11.78 23.98 -11.70
CA SER B 309 11.08 24.83 -12.68
C SER B 309 10.22 23.95 -13.54
N TRP B 310 9.19 24.53 -14.17
CA TRP B 310 8.43 23.78 -15.17
C TRP B 310 9.27 23.50 -16.42
N GLN B 311 9.15 22.29 -16.96
CA GLN B 311 9.82 21.88 -18.16
C GLN B 311 8.87 21.15 -19.08
N SER B 312 9.09 21.28 -20.39
CA SER B 312 8.19 20.68 -21.39
C SER B 312 8.51 19.20 -21.70
N LEU B 313 7.46 18.42 -21.79
CA LEU B 313 7.53 17.04 -22.31
C LEU B 313 6.93 16.93 -23.70
N ASN B 314 6.79 18.07 -24.35
CA ASN B 314 6.34 18.12 -25.75
C ASN B 314 4.96 17.50 -25.92
N GLY B 315 4.64 17.06 -27.13
CA GLY B 315 3.31 16.59 -27.49
C GLY B 315 2.40 17.74 -27.77
N VAL B 316 1.24 17.42 -28.31
CA VAL B 316 0.14 18.40 -28.46
C VAL B 316 -1.07 17.69 -27.95
N ILE B 317 -1.64 18.23 -26.85
CA ILE B 317 -2.64 17.47 -26.16
C ILE B 317 -3.92 18.23 -26.04
N THR B 318 -5.01 17.46 -25.88
CA THR B 318 -6.37 17.92 -25.97
C THR B 318 -7.19 17.52 -24.72
N SER B 319 -6.50 17.18 -23.63
CA SER B 319 -7.11 16.93 -22.32
C SER B 319 -6.06 17.24 -21.30
N ALA B 320 -6.45 17.22 -20.04
CA ALA B 320 -5.47 17.18 -18.97
C ALA B 320 -4.75 15.84 -19.04
N PRO B 321 -3.53 15.79 -18.52
CA PRO B 321 -2.81 14.54 -18.45
C PRO B 321 -3.30 13.72 -17.26
N THR B 322 -3.04 12.40 -17.32
CA THR B 322 -3.32 11.50 -16.17
C THR B 322 -2.05 10.75 -15.88
N ALA B 323 -1.60 10.74 -14.61
CA ALA B 323 -0.31 10.19 -14.26
C ALA B 323 -0.46 9.01 -13.30
N VAL B 324 0.38 7.99 -13.44
CA VAL B 324 0.34 6.84 -12.57
C VAL B 324 1.73 6.24 -12.46
N ARG B 325 2.08 5.74 -11.29
CA ARG B 325 3.32 4.94 -11.15
C ARG B 325 3.05 3.44 -11.46
N ASP B 326 3.89 2.86 -12.34
CA ASP B 326 3.77 1.48 -12.81
C ASP B 326 4.52 0.50 -11.91
N ALA B 327 4.45 -0.77 -12.24
CA ALA B 327 5.07 -1.84 -11.47
C ALA B 327 6.58 -1.88 -11.50
N ASP B 328 7.21 -1.12 -12.40
CA ASP B 328 8.69 -0.92 -12.35
C ASP B 328 9.01 0.38 -11.57
N GLY B 329 8.00 1.01 -10.94
CA GLY B 329 8.22 2.28 -10.16
C GLY B 329 8.48 3.51 -11.03
N ARG B 330 7.99 3.49 -12.27
CA ARG B 330 8.11 4.60 -13.18
C ARG B 330 6.75 5.24 -13.44
N LEU B 331 6.78 6.55 -13.59
CA LEU B 331 5.59 7.31 -13.91
C LEU B 331 5.31 7.14 -15.37
N GLU B 332 4.05 6.96 -15.65
CA GLU B 332 3.52 6.91 -16.99
C GLU B 332 2.42 8.00 -17.04
N VAL B 333 2.38 8.71 -18.17
CA VAL B 333 1.43 9.80 -18.36
C VAL B 333 0.66 9.64 -19.66
N PHE B 334 -0.67 9.69 -19.53
CA PHE B 334 -1.64 9.55 -20.61
C PHE B 334 -2.31 10.88 -20.89
N ALA B 335 -2.60 11.17 -22.16
CA ALA B 335 -3.32 12.39 -22.50
C ALA B 335 -3.95 12.18 -23.83
N ARG B 336 -5.16 12.73 -24.02
CA ARG B 336 -5.76 12.70 -25.38
C ARG B 336 -4.96 13.56 -26.36
N GLY B 337 -4.90 13.12 -27.61
CA GLY B 337 -4.04 13.72 -28.61
C GLY B 337 -4.95 14.47 -29.58
N THR B 338 -4.31 15.10 -30.61
CA THR B 338 -5.08 15.89 -31.59
C THR B 338 -6.01 15.05 -32.46
N ASP B 339 -5.76 13.76 -32.59
CA ASP B 339 -6.66 12.83 -33.28
C ASP B 339 -7.75 12.21 -32.36
N ASN B 340 -7.81 12.67 -31.10
CA ASN B 340 -8.66 12.08 -30.06
C ASN B 340 -8.34 10.68 -29.60
N ALA B 341 -7.18 10.19 -29.97
CA ALA B 341 -6.67 8.98 -29.42
C ALA B 341 -5.98 9.28 -28.08
N LEU B 342 -5.77 8.21 -27.29
CA LEU B 342 -4.98 8.30 -26.08
C LEU B 342 -3.52 8.03 -26.41
N TRP B 343 -2.64 8.96 -26.05
CA TRP B 343 -1.24 8.84 -26.18
C TRP B 343 -0.61 8.72 -24.80
N LEU B 344 0.65 8.29 -24.81
CA LEU B 344 1.36 7.83 -23.62
C LEU B 344 2.83 8.18 -23.72
N THR B 345 3.41 8.62 -22.64
CA THR B 345 4.84 8.88 -22.48
C THR B 345 5.20 8.43 -21.06
N TRP B 346 6.40 7.90 -20.87
CA TRP B 346 6.82 7.41 -19.56
C TRP B 346 8.29 7.77 -19.24
N GLN B 347 8.68 7.67 -17.97
CA GLN B 347 10.05 7.92 -17.55
C GLN B 347 11.04 6.83 -18.06
N THR B 348 12.20 7.30 -18.50
CA THR B 348 13.33 6.42 -18.81
C THR B 348 14.45 6.71 -17.82
N ALA B 349 15.59 6.02 -17.92
CA ALA B 349 16.75 6.43 -17.07
C ALA B 349 17.12 7.88 -17.37
N SER B 350 17.32 8.22 -18.65
CA SER B 350 17.89 9.52 -19.00
C SER B 350 16.90 10.67 -19.15
N SER B 351 15.62 10.36 -19.34
CA SER B 351 14.68 11.29 -19.94
C SER B 351 13.20 10.81 -19.78
N TRP B 352 12.36 11.12 -20.78
CA TRP B 352 11.07 10.51 -20.98
C TRP B 352 11.03 9.92 -22.41
N SER B 353 10.19 8.93 -22.63
CA SER B 353 10.07 8.28 -23.90
C SER B 353 9.29 9.11 -24.88
N PRO B 354 9.55 8.92 -26.18
CA PRO B 354 8.68 9.54 -27.22
C PRO B 354 7.20 9.26 -26.99
N TRP B 355 6.36 10.19 -27.36
CA TRP B 355 4.93 9.95 -27.27
C TRP B 355 4.52 8.85 -28.23
N ILE B 356 3.74 7.90 -27.75
CA ILE B 356 3.16 6.84 -28.61
C ILE B 356 1.67 6.79 -28.46
N SER B 357 1.00 6.31 -29.49
CA SER B 357 -0.46 6.31 -29.50
C SER B 357 -0.97 4.93 -29.07
N LEU B 358 -1.97 4.94 -28.18
CA LEU B 358 -2.79 3.76 -27.82
C LEU B 358 -4.10 3.73 -28.60
N GLY B 359 -4.23 4.56 -29.65
CA GLY B 359 -5.44 4.60 -30.46
C GLY B 359 -6.69 4.91 -29.64
N GLY B 360 -7.84 4.49 -30.14
CA GLY B 360 -9.13 4.85 -29.56
C GLY B 360 -9.60 6.23 -29.98
N VAL B 361 -10.87 6.51 -29.71
CA VAL B 361 -11.42 7.81 -29.90
C VAL B 361 -12.14 8.18 -28.59
N LEU B 362 -11.60 9.11 -27.83
CA LEU B 362 -12.16 9.37 -26.49
C LEU B 362 -12.84 10.72 -26.39
N ILE B 363 -13.87 10.79 -25.55
CA ILE B 363 -14.52 12.04 -25.33
C ILE B 363 -14.42 12.44 -23.85
N ASP B 364 -14.60 13.72 -23.58
CA ASP B 364 -14.71 14.24 -22.20
C ASP B 364 -16.18 14.21 -21.80
N ALA B 365 -16.53 13.26 -20.95
CA ALA B 365 -17.91 13.11 -20.44
C ALA B 365 -18.13 13.74 -19.08
N SER B 366 -17.16 14.53 -18.57
CA SER B 366 -17.25 15.09 -17.22
C SER B 366 -18.62 15.73 -16.93
N ALA B 367 -19.26 15.32 -15.84
CA ALA B 367 -20.60 15.87 -15.49
C ALA B 367 -20.52 17.38 -15.18
N ILE B 368 -19.34 17.86 -14.79
CA ILE B 368 -19.10 19.27 -14.54
C ILE B 368 -17.93 19.66 -15.42
N LYS B 369 -18.15 20.72 -16.21
CA LYS B 369 -17.10 21.25 -17.13
C LYS B 369 -16.95 22.74 -16.96
#